data_6OSS
#
_entry.id   6OSS
#
_cell.length_a   70.789
_cell.length_b   94.507
_cell.length_c   136.178
_cell.angle_alpha   90.00
_cell.angle_beta   90.00
_cell.angle_gamma   90.00
#
_symmetry.space_group_name_H-M   'P 21 21 21'
#
loop_
_entity.id
_entity.type
_entity.pdbx_description
1 polymer 'Acyl-[acyl-carrier-protein]--UDP-N-acetylglucosamine O-acyltransferase'
2 non-polymer 'SULFATE ION'
3 non-polymer 'PHOSPHITE ION'
4 water water
#
_entity_poly.entity_id   1
_entity_poly.type   'polypeptide(L)'
_entity_poly.pdbx_seq_one_letter_code
;SNAMIDKSAVIHPSSIIEEGAVIGANVRIGPFCVIGSHVEIGEGTDIKSHVVINGHTRIGRDNQIYQFASIGEVNQDLKY
RGEPTQVIIGDRNLIRESVTIHRGTTQGGNITKIGNDNLLMINTHVAHDCIIGDRCIIANNGTLGGHVTLGDYVIIGGMS
AVHQFCQIGSHVMVGGCSGVAQDVPPFVIAQGNHATPYGLNIEGLKRRGFAKEDLHAIRNAYKILYRNGKTLEEAREEIA
QLAADNNNQYVKIFSDFLENSAKSNRGIIR
;
_entity_poly.pdbx_strand_id   A,B,C
#
loop_
_chem_comp.id
_chem_comp.type
_chem_comp.name
_chem_comp.formula
PO3 non-polymer 'PHOSPHITE ION' 'O3 P -3'
SO4 non-polymer 'SULFATE ION' 'O4 S -2'
#
# COMPACT_ATOMS: atom_id res chain seq x y z
N ALA A 3 -9.57 34.67 -16.68
CA ALA A 3 -9.72 34.60 -18.14
C ALA A 3 -10.31 33.26 -18.56
N MET A 4 -9.48 32.22 -18.53
CA MET A 4 -9.93 30.86 -18.83
C MET A 4 -10.51 30.17 -17.61
N ILE A 5 -10.64 30.88 -16.50
CA ILE A 5 -11.27 30.36 -15.29
C ILE A 5 -12.69 30.91 -15.24
N ASP A 6 -13.67 30.02 -15.18
CA ASP A 6 -15.06 30.47 -15.15
C ASP A 6 -15.33 31.25 -13.87
N LYS A 7 -16.04 32.36 -14.01
CA LYS A 7 -16.30 33.24 -12.87
C LYS A 7 -17.09 32.57 -11.77
N SER A 8 -17.78 31.47 -12.06
CA SER A 8 -18.53 30.75 -11.04
C SER A 8 -17.70 29.70 -10.31
N ALA A 9 -16.46 29.47 -10.72
CA ALA A 9 -15.58 28.57 -9.99
C ALA A 9 -15.11 29.22 -8.70
N VAL A 10 -14.92 28.41 -7.68
CA VAL A 10 -14.50 28.87 -6.36
C VAL A 10 -13.15 28.22 -6.07
N ILE A 11 -12.08 29.01 -6.19
CA ILE A 11 -10.72 28.54 -5.98
C ILE A 11 -10.16 29.18 -4.72
N HIS A 12 -9.67 28.35 -3.80
CA HIS A 12 -9.08 28.89 -2.59
C HIS A 12 -7.82 29.68 -2.93
N PRO A 13 -7.60 30.84 -2.30
CA PRO A 13 -6.48 31.71 -2.70
C PRO A 13 -5.11 31.06 -2.60
N SER A 14 -4.89 30.18 -1.61
CA SER A 14 -3.58 29.60 -1.41
C SER A 14 -3.16 28.69 -2.56
N SER A 15 -4.10 28.19 -3.35
CA SER A 15 -3.77 27.27 -4.41
C SER A 15 -3.12 27.99 -5.58
N ILE A 16 -2.34 27.24 -6.34
CA ILE A 16 -1.58 27.75 -7.48
C ILE A 16 -2.20 27.18 -8.74
N ILE A 17 -2.85 28.04 -9.53
CA ILE A 17 -3.44 27.66 -10.80
C ILE A 17 -2.57 28.26 -11.89
N GLU A 18 -1.90 27.40 -12.64
CA GLU A 18 -0.98 27.85 -13.67
C GLU A 18 -1.74 28.48 -14.84
N GLU A 19 -1.22 29.59 -15.35
CA GLU A 19 -1.89 30.29 -16.44
C GLU A 19 -2.02 29.39 -17.66
N GLY A 20 -3.25 29.27 -18.17
CA GLY A 20 -3.57 28.35 -19.23
C GLY A 20 -4.49 27.22 -18.83
N ALA A 21 -4.58 26.93 -17.53
CA ALA A 21 -5.53 25.93 -17.05
C ALA A 21 -6.95 26.38 -17.34
N VAL A 22 -7.80 25.41 -17.69
CA VAL A 22 -9.21 25.67 -18.01
C VAL A 22 -10.04 25.10 -16.87
N ILE A 23 -10.72 25.97 -16.14
CA ILE A 23 -11.54 25.60 -15.00
C ILE A 23 -12.99 25.91 -15.34
N GLY A 24 -13.81 24.87 -15.41
CA GLY A 24 -15.18 25.01 -15.86
C GLY A 24 -16.08 25.67 -14.82
N ALA A 25 -17.36 25.79 -15.19
CA ALA A 25 -18.34 26.40 -14.31
C ALA A 25 -18.58 25.53 -13.08
N ASN A 26 -18.80 26.19 -11.93
CA ASN A 26 -19.20 25.55 -10.68
C ASN A 26 -18.16 24.56 -10.16
N VAL A 27 -16.91 24.71 -10.58
CA VAL A 27 -15.81 23.90 -10.04
C VAL A 27 -15.41 24.47 -8.69
N ARG A 28 -15.01 23.58 -7.77
CA ARG A 28 -14.52 23.97 -6.45
C ARG A 28 -13.14 23.35 -6.23
N ILE A 29 -12.20 24.16 -5.77
CA ILE A 29 -10.82 23.74 -5.56
C ILE A 29 -10.39 24.21 -4.18
N GLY A 30 -9.91 23.27 -3.34
CA GLY A 30 -9.51 23.59 -2.00
C GLY A 30 -8.09 24.14 -1.93
N PRO A 31 -7.63 24.37 -0.71
CA PRO A 31 -6.32 25.01 -0.52
C PRO A 31 -5.16 24.09 -0.84
N PHE A 32 -4.01 24.71 -1.12
CA PHE A 32 -2.74 24.02 -1.28
C PHE A 32 -2.74 23.04 -2.46
N CYS A 33 -3.48 23.36 -3.51
CA CYS A 33 -3.49 22.60 -4.75
C CYS A 33 -2.53 23.21 -5.76
N VAL A 34 -2.10 22.37 -6.71
CA VAL A 34 -1.24 22.79 -7.81
C VAL A 34 -1.85 22.24 -9.09
N ILE A 35 -2.24 23.13 -9.99
CA ILE A 35 -2.94 22.77 -11.23
C ILE A 35 -2.09 23.26 -12.40
N GLY A 36 -1.73 22.34 -13.29
CA GLY A 36 -0.85 22.67 -14.40
C GLY A 36 -1.54 23.48 -15.49
N SER A 37 -0.71 24.04 -16.37
CA SER A 37 -1.17 24.97 -17.39
C SER A 37 -1.87 24.30 -18.56
N HIS A 38 -1.83 22.98 -18.66
CA HIS A 38 -2.55 22.25 -19.70
C HIS A 38 -3.71 21.43 -19.15
N VAL A 39 -4.11 21.68 -17.91
CA VAL A 39 -5.21 20.95 -17.29
C VAL A 39 -6.54 21.55 -17.72
N GLU A 40 -7.51 20.68 -17.98
CA GLU A 40 -8.89 21.08 -18.24
C GLU A 40 -9.80 20.34 -17.27
N ILE A 41 -10.62 21.09 -16.53
CA ILE A 41 -11.47 20.52 -15.48
C ILE A 41 -12.92 20.87 -15.80
N GLY A 42 -13.74 19.83 -16.02
CA GLY A 42 -15.12 20.03 -16.43
C GLY A 42 -16.02 20.51 -15.31
N GLU A 43 -17.26 20.84 -15.70
CA GLU A 43 -18.20 21.52 -14.82
C GLU A 43 -18.57 20.66 -13.62
N GLY A 44 -18.75 21.31 -12.47
CA GLY A 44 -19.23 20.65 -11.27
C GLY A 44 -18.19 19.83 -10.52
N THR A 45 -16.97 19.70 -11.04
CA THR A 45 -15.96 18.88 -10.39
C THR A 45 -15.50 19.51 -9.09
N ASP A 46 -15.31 18.67 -8.07
CA ASP A 46 -14.92 19.10 -6.73
C ASP A 46 -13.54 18.54 -6.39
N ILE A 47 -12.59 19.43 -6.10
CA ILE A 47 -11.22 19.06 -5.81
C ILE A 47 -10.89 19.55 -4.40
N LYS A 48 -10.48 18.63 -3.53
CA LYS A 48 -10.19 18.97 -2.14
C LYS A 48 -8.84 19.66 -2.01
N SER A 49 -8.19 19.54 -0.86
CA SER A 49 -6.92 20.20 -0.63
C SER A 49 -5.76 19.28 -1.00
N HIS A 50 -4.58 19.89 -1.17
CA HIS A 50 -3.33 19.15 -1.39
C HIS A 50 -3.42 18.23 -2.60
N VAL A 51 -3.98 18.71 -3.70
CA VAL A 51 -4.12 17.92 -4.91
C VAL A 51 -3.20 18.47 -5.98
N VAL A 52 -2.54 17.59 -6.70
CA VAL A 52 -1.61 17.95 -7.77
C VAL A 52 -2.13 17.40 -9.08
N ILE A 53 -2.40 18.30 -10.03
CA ILE A 53 -2.90 17.94 -11.36
C ILE A 53 -2.06 18.68 -12.40
N ASN A 54 -1.33 17.93 -13.21
CA ASN A 54 -0.47 18.54 -14.22
C ASN A 54 -0.55 17.71 -15.49
N GLY A 55 0.30 18.02 -16.45
CA GLY A 55 0.29 17.33 -17.73
C GLY A 55 -0.86 17.79 -18.62
N HIS A 56 -0.95 17.17 -19.79
CA HIS A 56 -2.07 17.40 -20.70
C HIS A 56 -3.23 16.54 -20.21
N THR A 57 -3.99 17.09 -19.28
CA THR A 57 -4.98 16.33 -18.52
C THR A 57 -6.36 16.93 -18.72
N ARG A 58 -7.32 16.09 -19.09
CA ARG A 58 -8.71 16.49 -19.28
C ARG A 58 -9.56 15.74 -18.27
N ILE A 59 -10.21 16.48 -17.37
CA ILE A 59 -11.10 15.92 -16.36
C ILE A 59 -12.51 16.39 -16.67
N GLY A 60 -13.45 15.46 -16.70
CA GLY A 60 -14.82 15.75 -17.07
C GLY A 60 -15.65 16.39 -15.98
N ARG A 61 -16.94 16.09 -15.98
CA ARG A 61 -17.92 16.78 -15.14
C ARG A 61 -18.21 16.01 -13.85
N ASP A 62 -18.43 16.74 -12.77
CA ASP A 62 -18.99 16.22 -11.53
C ASP A 62 -18.11 15.14 -10.90
N ASN A 63 -16.80 15.27 -11.06
CA ASN A 63 -15.87 14.36 -10.41
C ASN A 63 -15.54 14.87 -9.01
N GLN A 64 -15.12 13.94 -8.15
CA GLN A 64 -14.69 14.26 -6.80
C GLN A 64 -13.28 13.70 -6.59
N ILE A 65 -12.34 14.60 -6.30
CA ILE A 65 -10.94 14.24 -6.17
C ILE A 65 -10.48 14.67 -4.78
N TYR A 66 -10.05 13.69 -3.97
CA TYR A 66 -9.74 13.93 -2.57
C TYR A 66 -8.25 14.26 -2.38
N GLN A 67 -7.89 14.55 -1.13
CA GLN A 67 -6.58 15.10 -0.82
C GLN A 67 -5.44 14.15 -1.13
N PHE A 68 -4.28 14.73 -1.43
CA PHE A 68 -3.03 14.04 -1.71
C PHE A 68 -3.08 13.20 -2.98
N ALA A 69 -4.08 13.42 -3.83
CA ALA A 69 -4.16 12.74 -5.11
C ALA A 69 -3.22 13.40 -6.12
N SER A 70 -2.71 12.58 -7.04
CA SER A 70 -1.78 13.03 -8.07
C SER A 70 -2.27 12.54 -9.42
N ILE A 71 -2.63 13.47 -10.31
CA ILE A 71 -3.29 13.15 -11.57
C ILE A 71 -2.52 13.79 -12.71
N GLY A 72 -2.14 12.98 -13.69
CA GLY A 72 -1.46 13.46 -14.87
C GLY A 72 0.04 13.54 -14.77
N GLU A 73 0.62 13.02 -13.68
CA GLU A 73 2.05 13.17 -13.42
C GLU A 73 2.88 12.28 -14.34
N VAL A 74 4.16 12.65 -14.49
CA VAL A 74 5.11 11.82 -15.22
C VAL A 74 5.02 10.38 -14.73
N ASN A 75 4.96 9.46 -15.68
CA ASN A 75 4.79 8.05 -15.34
C ASN A 75 6.11 7.46 -14.84
N GLN A 76 6.06 6.17 -14.50
CA GLN A 76 7.22 5.46 -13.96
C GLN A 76 7.89 4.57 -15.00
N ASP A 77 7.52 4.71 -16.27
CA ASP A 77 8.19 3.99 -17.35
C ASP A 77 9.52 4.66 -17.64
N LEU A 78 10.58 3.85 -17.73
CA LEU A 78 11.91 4.40 -17.99
C LEU A 78 12.09 4.87 -19.43
N LYS A 79 11.16 4.54 -20.32
CA LYS A 79 11.25 4.97 -21.71
C LYS A 79 10.56 6.31 -21.97
N TYR A 80 9.89 6.88 -20.97
CA TYR A 80 9.24 8.16 -21.16
C TYR A 80 10.28 9.27 -21.26
N ARG A 81 10.11 10.15 -22.25
CA ARG A 81 11.10 11.18 -22.58
C ARG A 81 10.48 12.57 -22.60
N GLY A 82 9.48 12.81 -21.75
CA GLY A 82 8.90 14.14 -21.65
C GLY A 82 7.91 14.50 -22.73
N GLU A 83 7.38 13.53 -23.47
CA GLU A 83 6.45 13.82 -24.53
C GLU A 83 5.12 14.34 -23.96
N PRO A 84 4.38 15.15 -24.73
CA PRO A 84 3.08 15.68 -24.25
C PRO A 84 1.97 14.65 -24.28
N THR A 85 2.09 13.65 -23.43
CA THR A 85 1.09 12.60 -23.32
C THR A 85 -0.03 13.03 -22.37
N GLN A 86 -1.10 12.22 -22.32
CA GLN A 86 -2.37 12.69 -21.79
C GLN A 86 -2.92 11.76 -20.71
N VAL A 87 -3.76 12.36 -19.87
CA VAL A 87 -4.72 11.65 -19.04
C VAL A 87 -6.10 12.17 -19.40
N ILE A 88 -7.05 11.27 -19.56
CA ILE A 88 -8.43 11.62 -19.90
C ILE A 88 -9.35 10.94 -18.90
N ILE A 89 -10.09 11.74 -18.14
CA ILE A 89 -10.99 11.23 -17.11
C ILE A 89 -12.40 11.69 -17.44
N GLY A 90 -13.36 10.76 -17.37
CA GLY A 90 -14.73 11.04 -17.74
C GLY A 90 -15.53 11.78 -16.69
N ASP A 91 -16.77 11.37 -16.46
CA ASP A 91 -17.72 12.08 -15.62
C ASP A 91 -18.06 11.30 -14.36
N ARG A 92 -18.29 12.04 -13.27
CA ARG A 92 -18.86 11.50 -12.03
C ARG A 92 -18.00 10.38 -11.45
N ASN A 93 -16.68 10.53 -11.51
CA ASN A 93 -15.79 9.56 -10.90
C ASN A 93 -15.48 9.97 -9.46
N LEU A 94 -15.17 8.98 -8.63
CA LEU A 94 -14.78 9.18 -7.24
C LEU A 94 -13.32 8.77 -7.10
N ILE A 95 -12.46 9.74 -6.84
CA ILE A 95 -11.02 9.54 -6.81
C ILE A 95 -10.57 9.87 -5.39
N ARG A 96 -10.26 8.86 -4.59
CA ARG A 96 -10.08 9.03 -3.16
C ARG A 96 -8.65 9.47 -2.85
N GLU A 97 -8.29 9.44 -1.56
CA GLU A 97 -7.02 10.00 -1.10
C GLU A 97 -5.84 9.24 -1.68
N SER A 98 -4.80 10.00 -2.05
CA SER A 98 -3.51 9.45 -2.46
C SER A 98 -3.60 8.53 -3.67
N VAL A 99 -4.59 8.75 -4.53
CA VAL A 99 -4.66 8.03 -5.80
C VAL A 99 -3.64 8.64 -6.75
N THR A 100 -2.96 7.79 -7.52
CA THR A 100 -2.02 8.23 -8.53
C THR A 100 -2.51 7.77 -9.90
N ILE A 101 -2.63 8.71 -10.83
CA ILE A 101 -3.03 8.44 -12.21
C ILE A 101 -1.99 9.11 -13.09
N HIS A 102 -1.17 8.30 -13.76
CA HIS A 102 -0.03 8.81 -14.51
C HIS A 102 -0.35 8.96 -15.99
N ARG A 103 0.34 9.89 -16.64
CA ARG A 103 0.17 10.14 -18.05
C ARG A 103 0.70 8.96 -18.87
N GLY A 104 0.20 8.84 -20.10
CA GLY A 104 0.55 7.74 -20.96
C GLY A 104 1.92 7.88 -21.59
N THR A 105 2.23 6.94 -22.48
CA THR A 105 3.45 6.96 -23.27
C THR A 105 3.10 6.94 -24.74
N THR A 106 3.99 7.50 -25.57
CA THR A 106 3.76 7.48 -27.01
C THR A 106 3.80 6.05 -27.55
N GLN A 107 4.70 5.21 -27.00
CA GLN A 107 4.79 3.83 -27.45
C GLN A 107 3.53 3.04 -27.12
N GLY A 108 2.79 3.46 -26.09
CA GLY A 108 1.61 2.75 -25.64
C GLY A 108 0.28 3.36 -26.04
N GLY A 109 0.29 4.39 -26.89
CA GLY A 109 -0.95 4.97 -27.39
C GLY A 109 -1.25 6.38 -26.94
N ASN A 110 -0.39 6.99 -26.11
CA ASN A 110 -0.39 8.40 -25.73
C ASN A 110 -1.38 8.72 -24.60
N ILE A 111 -2.29 7.82 -24.22
CA ILE A 111 -3.41 8.19 -23.37
C ILE A 111 -3.59 7.17 -22.26
N THR A 112 -3.70 7.66 -21.02
CA THR A 112 -4.30 6.93 -19.91
C THR A 112 -5.74 7.42 -19.78
N LYS A 113 -6.70 6.51 -19.91
CA LYS A 113 -8.10 6.89 -20.07
C LYS A 113 -8.97 6.23 -19.01
N ILE A 114 -9.87 7.02 -18.43
CA ILE A 114 -10.81 6.54 -17.42
C ILE A 114 -12.21 7.02 -17.80
N GLY A 115 -13.17 6.10 -17.80
CA GLY A 115 -14.53 6.41 -18.20
C GLY A 115 -15.36 7.13 -17.14
N ASN A 116 -16.61 6.72 -16.98
CA ASN A 116 -17.57 7.39 -16.10
C ASN A 116 -17.91 6.50 -14.90
N ASP A 117 -18.32 7.17 -13.81
CA ASP A 117 -18.97 6.52 -12.67
C ASP A 117 -18.07 5.51 -11.97
N ASN A 118 -16.76 5.75 -11.98
CA ASN A 118 -15.81 4.85 -11.35
C ASN A 118 -15.49 5.28 -9.93
N LEU A 119 -15.09 4.31 -9.11
CA LEU A 119 -14.62 4.56 -7.75
C LEU A 119 -13.20 4.03 -7.63
N LEU A 120 -12.24 4.92 -7.37
CA LEU A 120 -10.86 4.56 -7.14
C LEU A 120 -10.54 4.84 -5.67
N MET A 121 -10.43 3.78 -4.88
CA MET A 121 -10.25 3.94 -3.43
C MET A 121 -8.83 4.37 -3.10
N ILE A 122 -8.56 4.50 -1.80
CA ILE A 122 -7.34 5.13 -1.30
C ILE A 122 -6.11 4.41 -1.83
N ASN A 123 -5.14 5.19 -2.33
N ASN A 123 -5.13 5.18 -2.32
CA ASN A 123 -3.84 4.69 -2.80
CA ASN A 123 -3.84 4.69 -2.79
C ASN A 123 -3.99 3.77 -4.01
C ASN A 123 -3.94 3.86 -4.06
N THR A 124 -5.06 3.93 -4.77
CA THR A 124 -5.17 3.26 -6.05
C THR A 124 -4.15 3.83 -7.02
N HIS A 125 -3.42 2.96 -7.70
CA HIS A 125 -2.48 3.39 -8.74
C HIS A 125 -2.98 2.97 -10.11
N VAL A 126 -3.02 3.93 -11.04
CA VAL A 126 -3.36 3.69 -12.44
C VAL A 126 -2.14 4.10 -13.26
N ALA A 127 -1.43 3.13 -13.81
CA ALA A 127 -0.17 3.40 -14.49
C ALA A 127 -0.39 3.94 -15.89
N HIS A 128 0.72 4.22 -16.57
CA HIS A 128 0.68 4.79 -17.91
C HIS A 128 -0.05 3.88 -18.89
N ASP A 129 -0.87 4.50 -19.75
CA ASP A 129 -1.54 3.84 -20.87
C ASP A 129 -2.61 2.85 -20.44
N CYS A 130 -3.08 2.94 -19.21
CA CYS A 130 -4.21 2.12 -18.80
C CYS A 130 -5.50 2.65 -19.39
N ILE A 131 -6.47 1.75 -19.52
CA ILE A 131 -7.80 2.08 -20.03
C ILE A 131 -8.83 1.48 -19.08
N ILE A 132 -9.53 2.35 -18.34
CA ILE A 132 -10.58 1.92 -17.43
C ILE A 132 -11.92 2.32 -18.03
N GLY A 133 -12.86 1.37 -18.08
CA GLY A 133 -14.17 1.63 -18.63
C GLY A 133 -15.10 2.37 -17.68
N ASP A 134 -16.31 1.84 -17.49
CA ASP A 134 -17.33 2.52 -16.70
C ASP A 134 -17.72 1.68 -15.49
N ARG A 135 -18.09 2.38 -14.41
CA ARG A 135 -18.65 1.78 -13.20
C ARG A 135 -17.73 0.71 -12.62
N CYS A 136 -16.43 0.96 -12.64
CA CYS A 136 -15.46 0.06 -12.03
C CYS A 136 -15.19 0.49 -10.59
N ILE A 137 -14.69 -0.47 -9.81
CA ILE A 137 -14.30 -0.22 -8.43
C ILE A 137 -12.93 -0.86 -8.20
N ILE A 138 -11.96 -0.05 -7.80
CA ILE A 138 -10.63 -0.53 -7.41
C ILE A 138 -10.47 -0.25 -5.92
N ALA A 139 -10.41 -1.30 -5.11
CA ALA A 139 -10.33 -1.14 -3.67
C ALA A 139 -8.95 -0.62 -3.25
N ASN A 140 -8.83 -0.34 -1.94
CA ASN A 140 -7.63 0.30 -1.40
C ASN A 140 -6.36 -0.41 -1.86
N ASN A 141 -5.33 0.40 -2.18
CA ASN A 141 -4.00 -0.08 -2.55
C ASN A 141 -4.01 -0.92 -3.83
N GLY A 142 -5.08 -0.84 -4.62
CA GLY A 142 -5.09 -1.52 -5.90
C GLY A 142 -4.14 -0.88 -6.89
N THR A 143 -3.54 -1.72 -7.74
CA THR A 143 -2.52 -1.27 -8.68
C THR A 143 -2.75 -1.90 -10.04
N LEU A 144 -2.74 -1.07 -11.08
CA LEU A 144 -2.78 -1.51 -12.46
C LEU A 144 -1.41 -1.27 -13.08
N GLY A 145 -0.84 -2.29 -13.71
CA GLY A 145 0.39 -2.13 -14.44
C GLY A 145 0.19 -1.35 -15.72
N GLY A 146 1.30 -1.09 -16.42
CA GLY A 146 1.22 -0.33 -17.65
C GLY A 146 0.36 -1.04 -18.69
N HIS A 147 -0.39 -0.25 -19.46
CA HIS A 147 -1.15 -0.75 -20.61
C HIS A 147 -2.26 -1.72 -20.20
N VAL A 148 -2.74 -1.64 -18.97
CA VAL A 148 -3.79 -2.54 -18.51
C VAL A 148 -5.14 -2.01 -18.97
N THR A 149 -5.98 -2.91 -19.47
CA THR A 149 -7.35 -2.58 -19.88
C THR A 149 -8.34 -3.19 -18.91
N LEU A 150 -9.24 -2.36 -18.39
CA LEU A 150 -10.38 -2.82 -17.60
C LEU A 150 -11.65 -2.57 -18.40
N GLY A 151 -12.54 -3.57 -18.43
CA GLY A 151 -13.85 -3.41 -19.02
C GLY A 151 -14.79 -2.66 -18.11
N ASP A 152 -16.09 -2.92 -18.27
CA ASP A 152 -17.11 -2.27 -17.45
C ASP A 152 -17.47 -3.14 -16.24
N TYR A 153 -17.78 -2.46 -15.14
CA TYR A 153 -18.25 -3.12 -13.91
C TYR A 153 -17.21 -4.09 -13.35
N VAL A 154 -15.94 -3.72 -13.42
CA VAL A 154 -14.86 -4.52 -12.87
C VAL A 154 -14.65 -4.11 -11.41
N ILE A 155 -14.43 -5.10 -10.56
CA ILE A 155 -14.07 -4.88 -9.16
C ILE A 155 -12.68 -5.45 -8.94
N ILE A 156 -11.73 -4.60 -8.60
CA ILE A 156 -10.39 -5.01 -8.19
C ILE A 156 -10.33 -4.96 -6.67
N GLY A 157 -10.10 -6.12 -6.05
CA GLY A 157 -10.06 -6.19 -4.61
C GLY A 157 -8.84 -5.49 -4.00
N GLY A 158 -8.87 -5.38 -2.68
CA GLY A 158 -7.83 -4.63 -1.98
C GLY A 158 -6.47 -5.28 -2.08
N MET A 159 -5.45 -4.46 -2.27
N MET A 159 -5.45 -4.46 -2.25
CA MET A 159 -4.05 -4.91 -2.29
CA MET A 159 -4.05 -4.90 -2.29
C MET A 159 -3.80 -5.92 -3.41
C MET A 159 -3.80 -5.90 -3.42
N SER A 160 -4.48 -5.73 -4.54
CA SER A 160 -4.32 -6.60 -5.69
C SER A 160 -3.66 -5.85 -6.84
N ALA A 161 -2.89 -6.57 -7.63
CA ALA A 161 -2.12 -6.00 -8.74
C ALA A 161 -2.45 -6.72 -10.03
N VAL A 162 -2.58 -5.95 -11.11
CA VAL A 162 -2.74 -6.48 -12.46
C VAL A 162 -1.45 -6.19 -13.21
N HIS A 163 -0.80 -7.25 -13.71
CA HIS A 163 0.47 -7.09 -14.39
C HIS A 163 0.28 -6.34 -15.71
N GLN A 164 1.39 -5.82 -16.23
CA GLN A 164 1.32 -4.96 -17.40
C GLN A 164 0.75 -5.69 -18.60
N PHE A 165 -0.02 -4.97 -19.41
CA PHE A 165 -0.63 -5.40 -20.67
C PHE A 165 -1.81 -6.34 -20.48
N CYS A 166 -2.17 -6.71 -19.26
CA CYS A 166 -3.25 -7.67 -19.05
C CYS A 166 -4.60 -7.01 -19.27
N GLN A 167 -5.54 -7.78 -19.82
CA GLN A 167 -6.88 -7.32 -20.11
C GLN A 167 -7.86 -7.97 -19.16
N ILE A 168 -8.71 -7.16 -18.53
CA ILE A 168 -9.71 -7.64 -17.58
C ILE A 168 -11.08 -7.43 -18.21
N GLY A 169 -11.78 -8.53 -18.48
CA GLY A 169 -13.09 -8.45 -19.09
C GLY A 169 -14.13 -7.82 -18.18
N SER A 170 -15.25 -7.42 -18.80
CA SER A 170 -16.33 -6.78 -18.06
C SER A 170 -16.91 -7.71 -17.01
N HIS A 171 -17.33 -7.11 -15.89
CA HIS A 171 -18.00 -7.78 -14.78
C HIS A 171 -17.11 -8.78 -14.06
N VAL A 172 -15.80 -8.68 -14.22
CA VAL A 172 -14.87 -9.53 -13.49
C VAL A 172 -14.76 -9.03 -12.06
N MET A 173 -14.60 -9.95 -11.12
CA MET A 173 -14.21 -9.62 -9.76
C MET A 173 -12.86 -10.25 -9.48
N VAL A 174 -11.90 -9.42 -9.05
CA VAL A 174 -10.61 -9.89 -8.59
C VAL A 174 -10.59 -9.84 -7.07
N GLY A 175 -10.27 -10.97 -6.45
CA GLY A 175 -10.22 -11.01 -5.00
C GLY A 175 -9.10 -10.17 -4.43
N GLY A 176 -9.19 -9.92 -3.13
CA GLY A 176 -8.15 -9.18 -2.45
C GLY A 176 -6.84 -9.94 -2.43
N CYS A 177 -5.74 -9.18 -2.44
CA CYS A 177 -4.39 -9.73 -2.41
C CYS A 177 -4.21 -10.80 -3.49
N SER A 178 -4.47 -10.40 -4.74
CA SER A 178 -4.36 -11.30 -5.88
C SER A 178 -3.45 -10.70 -6.93
N GLY A 179 -2.60 -11.53 -7.52
CA GLY A 179 -1.73 -11.11 -8.60
C GLY A 179 -2.21 -11.63 -9.95
N VAL A 180 -2.72 -10.73 -10.79
CA VAL A 180 -3.23 -11.10 -12.10
C VAL A 180 -2.10 -10.95 -13.11
N ALA A 181 -1.68 -12.07 -13.71
CA ALA A 181 -0.58 -12.08 -14.65
C ALA A 181 -0.99 -12.45 -16.07
N GLN A 182 -2.26 -12.74 -16.30
CA GLN A 182 -2.77 -13.08 -17.63
C GLN A 182 -4.12 -12.41 -17.82
N ASP A 183 -4.71 -12.61 -19.01
CA ASP A 183 -6.01 -12.02 -19.30
C ASP A 183 -7.10 -12.75 -18.54
N VAL A 184 -8.12 -12.00 -18.11
CA VAL A 184 -9.24 -12.53 -17.36
C VAL A 184 -10.50 -12.39 -18.21
N PRO A 185 -11.11 -13.47 -18.66
CA PRO A 185 -12.33 -13.37 -19.47
C PRO A 185 -13.46 -12.74 -18.67
N PRO A 186 -14.48 -12.21 -19.34
CA PRO A 186 -15.56 -11.51 -18.63
C PRO A 186 -16.35 -12.44 -17.72
N PHE A 187 -16.97 -11.84 -16.71
CA PHE A 187 -17.96 -12.46 -15.82
C PHE A 187 -17.37 -13.41 -14.79
N VAL A 188 -16.04 -13.54 -14.69
CA VAL A 188 -15.46 -14.58 -13.85
C VAL A 188 -14.78 -13.96 -12.64
N ILE A 189 -14.59 -14.78 -11.62
CA ILE A 189 -13.90 -14.39 -10.39
C ILE A 189 -12.46 -14.85 -10.49
N ALA A 190 -11.53 -13.92 -10.26
CA ALA A 190 -10.10 -14.22 -10.28
C ALA A 190 -9.56 -14.11 -8.85
N GLN A 191 -8.83 -15.14 -8.42
CA GLN A 191 -8.34 -15.18 -7.05
C GLN A 191 -7.06 -16.00 -6.99
N GLY A 192 -6.08 -15.49 -6.27
CA GLY A 192 -4.83 -16.19 -6.03
C GLY A 192 -3.62 -15.39 -6.48
N ASN A 193 -2.45 -16.00 -6.30
N ASN A 193 -2.45 -15.98 -6.28
CA ASN A 193 -1.17 -15.40 -6.66
CA ASN A 193 -1.17 -15.40 -6.67
C ASN A 193 -0.28 -16.52 -7.23
C ASN A 193 -0.30 -16.52 -7.22
N HIS A 194 -0.31 -16.71 -8.54
CA HIS A 194 -1.12 -15.88 -9.45
C HIS A 194 -2.60 -16.28 -9.48
N ALA A 195 -3.44 -15.34 -9.89
CA ALA A 195 -4.88 -15.55 -9.85
C ALA A 195 -5.31 -16.64 -10.83
N THR A 196 -6.27 -17.44 -10.40
CA THR A 196 -6.88 -18.51 -11.18
C THR A 196 -8.38 -18.35 -11.17
N PRO A 197 -9.07 -18.85 -12.20
CA PRO A 197 -10.54 -18.70 -12.24
C PRO A 197 -11.20 -19.43 -11.07
N TYR A 198 -12.06 -18.70 -10.36
CA TYR A 198 -12.76 -19.20 -9.18
C TYR A 198 -14.26 -19.32 -9.44
N GLY A 199 -14.66 -19.52 -10.69
CA GLY A 199 -16.05 -19.55 -11.05
C GLY A 199 -16.52 -18.22 -11.63
N LEU A 200 -17.84 -18.07 -11.68
CA LEU A 200 -18.46 -16.87 -12.21
C LEU A 200 -18.80 -15.89 -11.09
N ASN A 201 -18.85 -14.60 -11.45
CA ASN A 201 -19.25 -13.54 -10.52
C ASN A 201 -20.77 -13.46 -10.44
N ILE A 202 -21.37 -14.56 -9.98
CA ILE A 202 -22.83 -14.68 -9.99
C ILE A 202 -23.47 -13.67 -9.05
N GLU A 203 -22.92 -13.53 -7.83
CA GLU A 203 -23.51 -12.60 -6.87
C GLU A 203 -23.44 -11.16 -7.35
N GLY A 204 -22.47 -10.85 -8.21
CA GLY A 204 -22.37 -9.52 -8.77
C GLY A 204 -23.27 -9.34 -9.98
N LEU A 205 -23.32 -10.35 -10.85
CA LEU A 205 -24.15 -10.28 -12.04
C LEU A 205 -25.64 -10.21 -11.68
N LYS A 206 -26.02 -10.73 -10.51
CA LYS A 206 -27.43 -10.70 -10.14
C LYS A 206 -27.86 -9.30 -9.73
N ARG A 207 -26.96 -8.51 -9.12
CA ARG A 207 -27.31 -7.15 -8.76
C ARG A 207 -27.42 -6.25 -9.99
N ARG A 208 -26.71 -6.60 -11.06
CA ARG A 208 -26.83 -5.85 -12.31
C ARG A 208 -28.17 -6.08 -12.99
N GLY A 209 -28.85 -7.18 -12.67
CA GLY A 209 -30.17 -7.44 -13.23
C GLY A 209 -30.15 -8.38 -14.42
N PHE A 210 -29.29 -9.40 -14.36
CA PHE A 210 -29.15 -10.33 -15.47
C PHE A 210 -30.30 -11.33 -15.49
N ALA A 211 -30.78 -11.64 -16.69
CA ALA A 211 -31.87 -12.60 -16.85
C ALA A 211 -31.39 -14.01 -16.54
N LYS A 212 -32.30 -14.82 -15.99
CA LYS A 212 -31.90 -16.12 -15.46
C LYS A 212 -31.34 -17.03 -16.54
N GLU A 213 -31.94 -17.03 -17.74
CA GLU A 213 -31.44 -17.86 -18.82
C GLU A 213 -30.27 -17.23 -19.55
N ASP A 214 -29.91 -15.99 -19.25
CA ASP A 214 -28.63 -15.44 -19.69
C ASP A 214 -27.48 -15.92 -18.81
N LEU A 215 -27.77 -16.28 -17.55
CA LEU A 215 -26.75 -16.91 -16.71
C LEU A 215 -26.36 -18.28 -17.26
N HIS A 216 -27.33 -19.04 -17.74
CA HIS A 216 -27.03 -20.37 -18.27
C HIS A 216 -26.19 -20.30 -19.54
N ALA A 217 -26.47 -19.31 -20.40
CA ALA A 217 -25.69 -19.17 -21.62
C ALA A 217 -24.25 -18.80 -21.32
N ILE A 218 -24.04 -17.94 -20.30
CA ILE A 218 -22.68 -17.55 -19.93
C ILE A 218 -21.94 -18.72 -19.33
N ARG A 219 -22.58 -19.45 -18.42
CA ARG A 219 -21.92 -20.57 -17.75
C ARG A 219 -21.55 -21.66 -18.74
N ASN A 220 -22.31 -21.80 -19.83
CA ASN A 220 -21.93 -22.74 -20.88
C ASN A 220 -20.60 -22.36 -21.51
N ALA A 221 -20.42 -21.07 -21.80
CA ALA A 221 -19.14 -20.62 -22.33
C ALA A 221 -18.01 -20.82 -21.32
N TYR A 222 -18.29 -20.56 -20.04
CA TYR A 222 -17.30 -20.83 -18.99
C TYR A 222 -16.99 -22.32 -18.91
N LYS A 223 -18.03 -23.17 -19.01
CA LYS A 223 -17.83 -24.60 -18.96
C LYS A 223 -16.99 -25.09 -20.13
N ILE A 224 -17.23 -24.55 -21.33
CA ILE A 224 -16.48 -24.96 -22.51
C ILE A 224 -15.04 -24.51 -22.41
N LEU A 225 -14.81 -23.30 -21.91
CA LEU A 225 -13.46 -22.74 -21.90
C LEU A 225 -12.59 -23.40 -20.83
N TYR A 226 -13.17 -23.73 -19.68
CA TYR A 226 -12.39 -24.17 -18.53
C TYR A 226 -12.70 -25.58 -18.07
N ARG A 227 -13.93 -26.07 -18.24
CA ARG A 227 -14.34 -27.32 -17.62
C ARG A 227 -14.54 -28.48 -18.60
N ASN A 228 -14.48 -28.23 -19.91
CA ASN A 228 -14.68 -29.29 -20.89
C ASN A 228 -13.39 -29.99 -21.29
N GLY A 229 -12.25 -29.55 -20.78
CA GLY A 229 -10.99 -30.17 -21.14
C GLY A 229 -10.56 -29.95 -22.58
N LYS A 230 -10.88 -28.79 -23.14
CA LYS A 230 -10.50 -28.44 -24.50
C LYS A 230 -9.39 -27.41 -24.49
N THR A 231 -8.66 -27.33 -25.60
CA THR A 231 -7.58 -26.38 -25.74
C THR A 231 -8.14 -24.99 -26.04
N LEU A 232 -7.24 -24.00 -26.13
CA LEU A 232 -7.67 -22.63 -26.33
C LEU A 232 -8.42 -22.45 -27.64
N GLU A 233 -7.82 -22.91 -28.75
CA GLU A 233 -8.45 -22.72 -30.06
C GLU A 233 -9.74 -23.52 -30.17
N GLU A 234 -9.77 -24.72 -29.58
CA GLU A 234 -10.97 -25.55 -29.67
C GLU A 234 -12.08 -25.03 -28.77
N ALA A 235 -11.73 -24.54 -27.58
CA ALA A 235 -12.71 -23.88 -26.73
C ALA A 235 -13.11 -22.52 -27.25
N ARG A 236 -12.35 -21.97 -28.20
CA ARG A 236 -12.70 -20.70 -28.84
C ARG A 236 -13.63 -20.88 -30.03
N GLU A 237 -13.49 -22.00 -30.76
CA GLU A 237 -14.39 -22.25 -31.88
C GLU A 237 -15.81 -22.51 -31.39
N GLU A 238 -15.95 -23.21 -30.26
CA GLU A 238 -17.28 -23.54 -29.75
C GLU A 238 -18.01 -22.29 -29.27
N ILE A 239 -17.33 -21.45 -28.48
CA ILE A 239 -17.99 -20.26 -27.97
C ILE A 239 -18.30 -19.28 -29.10
N ALA A 240 -17.45 -19.23 -30.13
CA ALA A 240 -17.75 -18.39 -31.28
C ALA A 240 -18.90 -18.95 -32.10
N GLN A 241 -19.07 -20.28 -32.09
CA GLN A 241 -20.20 -20.89 -32.79
C GLN A 241 -21.50 -20.60 -32.08
N LEU A 242 -21.48 -20.56 -30.74
CA LEU A 242 -22.69 -20.24 -29.98
C LEU A 242 -23.12 -18.80 -30.19
N ALA A 243 -22.17 -17.90 -30.46
CA ALA A 243 -22.51 -16.50 -30.68
C ALA A 243 -23.26 -16.30 -31.98
N ALA A 244 -23.14 -17.21 -32.95
CA ALA A 244 -23.82 -17.10 -34.23
C ALA A 244 -25.08 -17.96 -34.31
N ASP A 245 -25.15 -19.03 -33.54
CA ASP A 245 -26.32 -19.91 -33.57
C ASP A 245 -27.39 -19.46 -32.57
N ASN A 246 -27.01 -19.26 -31.32
CA ASN A 246 -27.96 -18.80 -30.31
C ASN A 246 -28.05 -17.29 -30.24
N ASN A 247 -26.95 -16.59 -30.58
CA ASN A 247 -26.90 -15.13 -30.63
C ASN A 247 -27.28 -14.52 -29.29
N ASN A 248 -26.53 -14.90 -28.26
CA ASN A 248 -26.64 -14.31 -26.93
C ASN A 248 -25.60 -13.21 -26.80
N GLN A 249 -26.06 -12.01 -26.42
CA GLN A 249 -25.18 -10.86 -26.40
C GLN A 249 -24.02 -11.03 -25.44
N TYR A 250 -24.24 -11.75 -24.33
CA TYR A 250 -23.17 -11.96 -23.36
C TYR A 250 -22.18 -13.02 -23.83
N VAL A 251 -22.67 -14.05 -24.52
CA VAL A 251 -21.77 -15.04 -25.10
C VAL A 251 -20.92 -14.42 -26.19
N LYS A 252 -21.49 -13.48 -26.96
CA LYS A 252 -20.71 -12.79 -27.97
C LYS A 252 -19.66 -11.88 -27.33
N ILE A 253 -20.02 -11.19 -26.25
CA ILE A 253 -19.03 -10.41 -25.49
C ILE A 253 -17.94 -11.34 -24.95
N PHE A 254 -18.35 -12.44 -24.33
CA PHE A 254 -17.40 -13.44 -23.86
C PHE A 254 -16.57 -14.00 -25.01
N SER A 255 -17.13 -14.02 -26.21
CA SER A 255 -16.38 -14.48 -27.39
C SER A 255 -15.44 -13.41 -27.91
N ASP A 256 -15.92 -12.16 -27.97
CA ASP A 256 -15.08 -11.06 -28.48
C ASP A 256 -13.81 -10.91 -27.64
N PHE A 257 -13.91 -11.13 -26.33
CA PHE A 257 -12.73 -11.00 -25.48
C PHE A 257 -11.67 -12.02 -25.85
N LEU A 258 -12.06 -13.28 -26.04
CA LEU A 258 -11.09 -14.32 -26.36
C LEU A 258 -10.46 -14.11 -27.72
N GLU A 259 -11.20 -13.54 -28.67
CA GLU A 259 -10.61 -13.26 -29.98
C GLU A 259 -9.57 -12.16 -29.89
N ASN A 260 -9.78 -11.17 -29.02
CA ASN A 260 -8.81 -10.10 -28.84
C ASN A 260 -7.64 -10.54 -27.97
N SER A 261 -7.86 -11.48 -27.06
CA SER A 261 -6.76 -12.02 -26.27
C SER A 261 -5.87 -12.94 -27.09
N ALA A 262 -6.41 -13.53 -28.17
CA ALA A 262 -5.60 -14.37 -29.04
C ALA A 262 -4.58 -13.55 -29.84
N LYS A 263 -4.78 -12.24 -29.97
CA LYS A 263 -3.84 -11.41 -30.70
C LYS A 263 -2.50 -11.30 -29.99
N SER A 264 -2.44 -11.58 -28.70
CA SER A 264 -1.23 -11.46 -27.91
C SER A 264 -0.83 -12.82 -27.34
N ASN A 265 0.44 -12.90 -26.91
CA ASN A 265 0.99 -14.10 -26.30
C ASN A 265 0.78 -14.16 -24.80
N ARG A 266 -0.19 -13.42 -24.27
CA ARG A 266 -0.44 -13.42 -22.84
C ARG A 266 -1.17 -14.69 -22.40
N GLY A 267 -2.19 -15.07 -23.14
CA GLY A 267 -3.05 -16.16 -22.71
C GLY A 267 -4.05 -15.68 -21.67
N ILE A 268 -4.80 -16.65 -21.14
CA ILE A 268 -5.80 -16.37 -20.12
C ILE A 268 -5.44 -17.14 -18.86
N ILE A 269 -5.96 -16.64 -17.73
CA ILE A 269 -5.76 -17.34 -16.46
C ILE A 269 -6.45 -18.70 -16.52
N ARG A 270 -5.86 -19.68 -15.85
CA ARG A 270 -6.42 -21.03 -15.84
C ARG A 270 -5.93 -21.81 -14.62
N ALA B 3 22.64 32.63 2.59
CA ALA B 3 23.95 32.30 3.13
C ALA B 3 24.33 30.86 2.78
N MET B 4 23.51 29.91 3.24
CA MET B 4 23.71 28.50 2.94
C MET B 4 22.96 28.06 1.70
N ILE B 5 22.13 28.93 1.12
CA ILE B 5 21.36 28.61 -0.07
C ILE B 5 22.07 29.22 -1.28
N ASP B 6 22.40 28.37 -2.25
CA ASP B 6 23.14 28.81 -3.42
C ASP B 6 22.33 29.79 -4.25
N LYS B 7 23.05 30.66 -4.97
CA LYS B 7 22.40 31.73 -5.72
C LYS B 7 21.56 31.20 -6.87
N SER B 8 21.97 30.11 -7.50
CA SER B 8 21.26 29.58 -8.66
C SER B 8 20.08 28.69 -8.29
N ALA B 9 19.87 28.41 -7.00
CA ALA B 9 18.74 27.60 -6.61
C ALA B 9 17.45 28.39 -6.77
N VAL B 10 16.40 27.70 -7.21
CA VAL B 10 15.07 28.30 -7.38
C VAL B 10 14.14 27.60 -6.39
N ILE B 11 13.73 28.34 -5.36
CA ILE B 11 12.80 27.82 -4.36
C ILE B 11 11.51 28.60 -4.47
N HIS B 12 10.39 27.88 -4.46
CA HIS B 12 9.10 28.54 -4.50
C HIS B 12 8.84 29.27 -3.19
N PRO B 13 8.35 30.51 -3.24
CA PRO B 13 8.25 31.32 -2.01
C PRO B 13 7.33 30.74 -0.96
N SER B 14 6.41 29.84 -1.31
CA SER B 14 5.50 29.26 -0.34
C SER B 14 6.17 28.21 0.54
N SER B 15 7.26 27.60 0.09
CA SER B 15 7.91 26.55 0.85
C SER B 15 8.70 27.12 2.02
N ILE B 16 8.86 26.32 3.06
CA ILE B 16 9.45 26.73 4.32
C ILE B 16 10.80 26.05 4.48
N ILE B 17 11.86 26.85 4.52
CA ILE B 17 13.23 26.35 4.62
C ILE B 17 13.81 26.90 5.92
N GLU B 18 13.99 26.04 6.90
CA GLU B 18 14.54 26.47 8.19
C GLU B 18 15.97 26.96 8.02
N GLU B 19 16.34 27.97 8.80
CA GLU B 19 17.70 28.48 8.76
C GLU B 19 18.69 27.40 9.18
N GLY B 20 19.74 27.22 8.38
CA GLY B 20 20.68 26.14 8.54
C GLY B 20 20.64 25.12 7.43
N ALA B 21 19.54 25.05 6.69
CA ALA B 21 19.45 24.12 5.56
C ALA B 21 20.44 24.54 4.47
N VAL B 22 21.25 23.59 4.03
CA VAL B 22 22.24 23.84 2.98
C VAL B 22 21.65 23.36 1.66
N ILE B 23 21.51 24.27 0.70
CA ILE B 23 20.86 23.97 -0.57
C ILE B 23 21.85 24.27 -1.69
N GLY B 24 22.12 23.26 -2.51
CA GLY B 24 23.15 23.35 -3.52
C GLY B 24 22.71 24.12 -4.75
N ALA B 25 23.64 24.23 -5.69
CA ALA B 25 23.39 24.98 -6.92
C ALA B 25 22.44 24.23 -7.84
N ASN B 26 21.66 24.99 -8.61
CA ASN B 26 20.74 24.46 -9.61
C ASN B 26 19.69 23.54 -9.00
N VAL B 27 19.36 23.76 -7.73
CA VAL B 27 18.31 23.01 -7.05
C VAL B 27 16.98 23.71 -7.28
N ARG B 28 15.93 22.91 -7.50
CA ARG B 28 14.58 23.43 -7.69
C ARG B 28 13.67 22.81 -6.63
N ILE B 29 13.00 23.66 -5.87
CA ILE B 29 12.08 23.23 -4.83
C ILE B 29 10.71 23.82 -5.13
N GLY B 30 9.71 22.96 -5.30
CA GLY B 30 8.36 23.40 -5.61
C GLY B 30 7.65 23.94 -4.40
N PRO B 31 6.37 24.29 -4.60
CA PRO B 31 5.61 24.94 -3.53
C PRO B 31 5.22 23.96 -2.43
N PHE B 32 4.92 24.54 -1.26
CA PHE B 32 4.34 23.81 -0.13
C PHE B 32 5.27 22.74 0.42
N CYS B 33 6.58 22.95 0.34
CA CYS B 33 7.56 22.05 0.93
C CYS B 33 8.01 22.55 2.29
N VAL B 34 8.59 21.64 3.06
CA VAL B 34 9.16 21.94 4.37
C VAL B 34 10.52 21.27 4.44
N ILE B 35 11.58 22.08 4.55
CA ILE B 35 12.96 21.61 4.57
C ILE B 35 13.58 21.96 5.91
N GLY B 36 14.02 20.94 6.64
CA GLY B 36 14.53 21.14 7.99
C GLY B 36 15.88 21.84 8.03
N SER B 37 16.28 22.24 9.24
CA SER B 37 17.47 23.04 9.42
C SER B 37 18.77 22.23 9.34
N HIS B 38 18.70 20.91 9.33
CA HIS B 38 19.88 20.07 9.24
C HIS B 38 19.89 19.26 7.95
N VAL B 39 19.26 19.78 6.90
CA VAL B 39 19.15 19.11 5.62
C VAL B 39 20.15 19.71 4.65
N GLU B 40 20.78 18.85 3.83
CA GLU B 40 21.70 19.27 2.79
C GLU B 40 21.23 18.68 1.47
N ILE B 41 21.00 19.53 0.47
CA ILE B 41 20.52 19.12 -0.84
C ILE B 41 21.64 19.31 -1.85
N GLY B 42 22.02 18.23 -2.53
CA GLY B 42 23.08 18.28 -3.51
C GLY B 42 22.68 19.02 -4.78
N GLU B 43 23.69 19.34 -5.58
CA GLU B 43 23.49 20.12 -6.79
C GLU B 43 22.61 19.37 -7.79
N GLY B 44 21.70 20.11 -8.43
CA GLY B 44 20.87 19.56 -9.49
C GLY B 44 19.67 18.76 -9.02
N THR B 45 19.49 18.58 -7.72
CA THR B 45 18.35 17.82 -7.23
C THR B 45 17.05 18.59 -7.45
N ASP B 46 16.02 17.89 -7.90
CA ASP B 46 14.71 18.47 -8.15
C ASP B 46 13.70 17.93 -7.15
N ILE B 47 13.03 18.84 -6.45
CA ILE B 47 12.04 18.50 -5.43
C ILE B 47 10.72 19.14 -5.82
N LYS B 48 9.70 18.32 -6.05
CA LYS B 48 8.40 18.82 -6.48
C LYS B 48 7.65 19.44 -5.32
N SER B 49 6.33 19.54 -5.42
CA SER B 49 5.55 20.17 -4.37
C SER B 49 5.27 19.19 -3.22
N HIS B 50 4.90 19.74 -2.07
CA HIS B 50 4.36 18.96 -0.94
C HIS B 50 5.35 17.93 -0.42
N VAL B 51 6.63 18.29 -0.31
CA VAL B 51 7.67 17.37 0.14
C VAL B 51 8.14 17.80 1.52
N VAL B 52 8.37 16.81 2.39
CA VAL B 52 8.85 17.02 3.75
C VAL B 52 10.22 16.38 3.88
N ILE B 53 11.23 17.19 4.22
CA ILE B 53 12.59 16.71 4.43
C ILE B 53 13.11 17.36 5.70
N ASN B 54 13.42 16.54 6.70
CA ASN B 54 13.92 17.04 7.98
C ASN B 54 14.97 16.07 8.51
N GLY B 55 15.31 16.20 9.79
CA GLY B 55 16.37 15.40 10.38
C GLY B 55 17.73 15.79 9.84
N HIS B 56 18.74 15.05 10.30
CA HIS B 56 20.11 15.21 9.81
C HIS B 56 20.24 14.39 8.53
N THR B 57 19.89 15.00 7.40
CA THR B 57 19.72 14.29 6.14
C THR B 57 20.65 14.89 5.09
N ARG B 58 21.36 14.02 4.38
CA ARG B 58 22.25 14.42 3.30
C ARG B 58 21.75 13.82 2.00
N ILE B 59 21.41 14.67 1.04
CA ILE B 59 20.88 14.25 -0.25
C ILE B 59 21.84 14.71 -1.35
N GLY B 60 22.26 13.76 -2.19
CA GLY B 60 23.25 14.03 -3.20
C GLY B 60 22.72 14.77 -4.42
N ARG B 61 23.38 14.53 -5.56
CA ARG B 61 23.22 15.34 -6.75
C ARG B 61 22.23 14.70 -7.73
N ASP B 62 21.48 15.56 -8.43
CA ASP B 62 20.63 15.16 -9.55
C ASP B 62 19.54 14.18 -9.12
N ASN B 63 19.01 14.36 -7.92
CA ASN B 63 17.91 13.55 -7.45
C ASN B 63 16.58 14.15 -7.90
N GLN B 64 15.56 13.31 -7.96
CA GLN B 64 14.19 13.72 -8.28
C GLN B 64 13.27 13.14 -7.20
N ILE B 65 12.66 14.02 -6.41
CA ILE B 65 11.83 13.64 -5.29
C ILE B 65 10.43 14.19 -5.52
N TYR B 66 9.45 13.30 -5.69
CA TYR B 66 8.10 13.68 -6.09
C TYR B 66 7.22 13.99 -4.87
N GLN B 67 5.98 14.37 -5.15
CA GLN B 67 5.12 14.97 -4.15
C GLN B 67 4.72 13.97 -3.06
N PHE B 68 4.53 14.51 -1.86
CA PHE B 68 4.05 13.78 -0.69
C PHE B 68 5.08 12.79 -0.15
N ALA B 69 6.33 12.90 -0.56
CA ALA B 69 7.38 12.06 0.02
C ALA B 69 7.85 12.64 1.37
N SER B 70 8.33 11.76 2.23
CA SER B 70 8.90 12.12 3.52
C SER B 70 10.27 11.49 3.65
N ILE B 71 11.30 12.31 3.81
CA ILE B 71 12.68 11.85 3.93
C ILE B 71 13.29 12.39 5.20
N GLY B 72 13.89 11.51 6.01
CA GLY B 72 14.58 11.89 7.22
C GLY B 72 13.73 11.91 8.47
N GLU B 73 12.45 11.54 8.37
CA GLU B 73 11.50 11.66 9.46
C GLU B 73 11.79 10.64 10.56
N VAL B 74 11.30 10.95 11.77
CA VAL B 74 11.43 10.04 12.90
C VAL B 74 10.96 8.65 12.50
N ASN B 75 11.77 7.64 12.85
CA ASN B 75 11.46 6.27 12.47
C ASN B 75 10.28 5.76 13.29
N GLN B 76 9.90 4.51 13.02
CA GLN B 76 8.81 3.87 13.74
C GLN B 76 9.32 2.89 14.80
N ASP B 77 10.60 2.96 15.14
CA ASP B 77 11.18 2.11 16.18
C ASP B 77 10.88 2.73 17.54
N LEU B 78 10.23 1.96 18.42
CA LEU B 78 9.84 2.49 19.73
C LEU B 78 11.04 2.73 20.64
N LYS B 79 12.21 2.16 20.32
CA LYS B 79 13.41 2.41 21.12
C LYS B 79 14.10 3.72 20.78
N TYR B 80 13.70 4.39 19.69
CA TYR B 80 14.30 5.66 19.32
C TYR B 80 13.88 6.75 20.31
N ARG B 81 14.82 7.60 20.68
CA ARG B 81 14.56 8.64 21.67
C ARG B 81 15.14 9.98 21.23
N GLY B 82 14.96 10.32 19.96
CA GLY B 82 15.25 11.67 19.49
C GLY B 82 16.69 11.99 19.21
N GLU B 83 17.55 10.99 19.03
CA GLU B 83 18.97 11.26 18.80
C GLU B 83 19.17 11.79 17.38
N PRO B 84 20.23 12.59 17.16
CA PRO B 84 20.46 13.14 15.82
C PRO B 84 21.02 12.11 14.84
N THR B 85 20.17 11.17 14.43
CA THR B 85 20.58 10.15 13.47
C THR B 85 20.43 10.69 12.04
N GLN B 86 20.91 9.90 11.08
CA GLN B 86 21.13 10.42 9.73
C GLN B 86 20.41 9.60 8.68
N VAL B 87 20.05 10.29 7.59
CA VAL B 87 19.73 9.68 6.31
C VAL B 87 20.77 10.16 5.32
N ILE B 88 21.31 9.24 4.52
CA ILE B 88 22.25 9.57 3.46
C ILE B 88 21.72 9.00 2.15
N ILE B 89 21.48 9.88 1.18
CA ILE B 89 21.00 9.51 -0.14
C ILE B 89 22.03 9.94 -1.17
N GLY B 90 22.40 9.03 -2.08
CA GLY B 90 23.39 9.30 -3.11
C GLY B 90 22.92 10.17 -4.25
N ASP B 91 23.29 9.80 -5.49
CA ASP B 91 23.06 10.63 -6.67
C ASP B 91 22.12 9.94 -7.65
N ARG B 92 21.32 10.75 -8.36
CA ARG B 92 20.48 10.31 -9.48
C ARG B 92 19.45 9.26 -9.06
N ASN B 93 18.84 9.47 -7.91
CA ASN B 93 17.77 8.59 -7.44
C ASN B 93 16.41 9.16 -7.83
N LEU B 94 15.50 8.28 -8.21
CA LEU B 94 14.12 8.63 -8.53
C LEU B 94 13.25 8.22 -7.35
N ILE B 95 12.75 9.20 -6.61
CA ILE B 95 11.96 8.96 -5.40
C ILE B 95 10.55 9.43 -5.69
N ARG B 96 9.64 8.48 -5.91
CA ARG B 96 8.33 8.79 -6.44
C ARG B 96 7.37 9.19 -5.32
N GLU B 97 6.08 9.30 -5.66
CA GLU B 97 5.09 9.86 -4.74
C GLU B 97 4.94 9.01 -3.49
N SER B 98 4.81 9.68 -2.35
CA SER B 98 4.47 9.09 -1.06
C SER B 98 5.50 8.10 -0.55
N VAL B 99 6.74 8.20 -1.04
CA VAL B 99 7.83 7.42 -0.47
C VAL B 99 8.18 7.95 0.90
N THR B 100 8.47 7.04 1.84
CA THR B 100 8.97 7.40 3.15
C THR B 100 10.35 6.80 3.35
N ILE B 101 11.31 7.62 3.77
CA ILE B 101 12.66 7.19 4.12
C ILE B 101 12.96 7.73 5.51
N HIS B 102 13.08 6.83 6.49
CA HIS B 102 13.21 7.22 7.88
C HIS B 102 14.66 7.22 8.34
N ARG B 103 14.93 7.99 9.40
CA ARG B 103 16.27 8.11 9.94
C ARG B 103 16.65 6.86 10.73
N GLY B 104 17.96 6.64 10.86
CA GLY B 104 18.46 5.48 11.56
C GLY B 104 18.26 5.58 13.07
N THR B 105 18.77 4.57 13.76
CA THR B 105 18.79 4.53 15.22
C THR B 105 20.22 4.30 15.69
N THR B 106 20.52 4.80 16.89
CA THR B 106 21.87 4.61 17.43
C THR B 106 22.17 3.14 17.69
N GLN B 107 21.15 2.35 18.04
CA GLN B 107 21.36 0.92 18.25
C GLN B 107 21.57 0.18 16.94
N GLY B 108 21.12 0.73 15.82
CA GLY B 108 21.23 0.07 14.54
C GLY B 108 22.38 0.50 13.67
N GLY B 109 23.16 1.49 14.08
CA GLY B 109 24.28 1.99 13.28
C GLY B 109 24.20 3.46 12.92
N ASN B 110 23.12 4.16 13.25
CA ASN B 110 22.95 5.61 13.20
C ASN B 110 22.55 6.12 11.81
N ILE B 111 22.58 5.30 10.75
CA ILE B 111 22.47 5.80 9.39
C ILE B 111 21.50 4.94 8.59
N THR B 112 20.57 5.59 7.90
CA THR B 112 19.82 4.99 6.80
C THR B 112 20.46 5.47 5.50
N LYS B 113 20.94 4.54 4.68
CA LYS B 113 21.82 4.85 3.57
C LYS B 113 21.26 4.32 2.25
N ILE B 114 21.25 5.18 1.24
CA ILE B 114 20.81 4.81 -0.11
C ILE B 114 21.87 5.29 -1.09
N GLY B 115 22.29 4.40 -1.99
CA GLY B 115 23.32 4.70 -2.96
C GLY B 115 22.86 5.51 -4.15
N ASN B 116 23.27 5.12 -5.35
CA ASN B 116 23.04 5.88 -6.57
C ASN B 116 22.12 5.16 -7.53
N ASP B 117 21.44 5.94 -8.37
CA ASP B 117 20.72 5.44 -9.54
C ASP B 117 19.60 4.46 -9.16
N ASN B 118 18.99 4.67 -8.00
CA ASN B 118 17.90 3.82 -7.54
C ASN B 118 16.55 4.41 -7.93
N LEU B 119 15.55 3.52 -8.04
CA LEU B 119 14.18 3.91 -8.30
C LEU B 119 13.30 3.38 -7.18
N LEU B 120 12.71 4.29 -6.40
CA LEU B 120 11.77 3.95 -5.34
C LEU B 120 10.38 4.38 -5.81
N MET B 121 9.55 3.41 -6.19
CA MET B 121 8.26 3.73 -6.76
C MET B 121 7.27 4.17 -5.68
N ILE B 122 6.04 4.46 -6.10
CA ILE B 122 5.02 5.06 -5.24
C ILE B 122 4.83 4.24 -3.97
N ASN B 123 4.80 4.95 -2.82
N ASN B 123 4.81 4.94 -2.83
CA ASN B 123 4.54 4.37 -1.51
CA ASN B 123 4.53 4.38 -1.51
C ASN B 123 5.59 3.32 -1.14
C ASN B 123 5.62 3.43 -1.01
N THR B 124 6.83 3.53 -1.56
CA THR B 124 7.94 2.73 -1.05
C THR B 124 8.28 3.17 0.37
N HIS B 125 8.55 2.20 1.24
CA HIS B 125 8.99 2.50 2.60
C HIS B 125 10.38 1.95 2.83
N VAL B 126 11.28 2.82 3.30
CA VAL B 126 12.63 2.44 3.71
C VAL B 126 12.74 2.76 5.19
N ALA B 127 12.76 1.73 6.03
CA ALA B 127 12.75 1.93 7.47
C ALA B 127 14.16 2.26 7.98
N HIS B 128 14.25 2.44 9.31
CA HIS B 128 15.48 2.88 9.94
C HIS B 128 16.62 1.90 9.70
N ASP B 129 17.82 2.46 9.51
CA ASP B 129 19.09 1.74 9.44
C ASP B 129 19.21 0.86 8.20
N CYS B 130 18.32 1.00 7.23
CA CYS B 130 18.43 0.25 5.99
C CYS B 130 19.65 0.69 5.20
N ILE B 131 20.16 -0.23 4.38
CA ILE B 131 21.27 0.05 3.48
C ILE B 131 20.86 -0.41 2.09
N ILE B 132 20.82 0.52 1.14
CA ILE B 132 20.50 0.23 -0.25
C ILE B 132 21.71 0.60 -1.10
N GLY B 133 22.15 -0.34 -1.93
CA GLY B 133 23.28 -0.11 -2.81
C GLY B 133 22.93 0.75 -4.01
N ASP B 134 23.37 0.33 -5.19
CA ASP B 134 23.17 1.08 -6.42
C ASP B 134 22.20 0.36 -7.36
N ARG B 135 21.49 1.16 -8.16
CA ARG B 135 20.69 0.67 -9.29
C ARG B 135 19.60 -0.31 -8.86
N CYS B 136 19.04 -0.12 -7.68
CA CYS B 136 17.96 -0.98 -7.20
C CYS B 136 16.61 -0.43 -7.64
N ILE B 137 15.60 -1.29 -7.58
CA ILE B 137 14.23 -0.94 -7.96
C ILE B 137 13.29 -1.54 -6.92
N ILE B 138 12.48 -0.69 -6.29
CA ILE B 138 11.43 -1.14 -5.38
C ILE B 138 10.11 -0.69 -6.01
N ALA B 139 9.30 -1.66 -6.42
CA ALA B 139 8.04 -1.35 -7.09
C ALA B 139 7.03 -0.79 -6.08
N ASN B 140 5.83 -0.49 -6.59
CA ASN B 140 4.79 0.17 -5.79
C ASN B 140 4.52 -0.60 -4.50
N ASN B 141 4.47 0.15 -3.39
CA ASN B 141 4.11 -0.33 -2.06
C ASN B 141 5.15 -1.28 -1.46
N GLY B 142 6.34 -1.37 -2.04
CA GLY B 142 7.39 -2.19 -1.46
C GLY B 142 7.83 -1.63 -0.12
N THR B 143 8.14 -2.55 0.82
CA THR B 143 8.46 -2.18 2.18
C THR B 143 9.72 -2.90 2.64
N LEU B 144 10.67 -2.13 3.18
CA LEU B 144 11.87 -2.66 3.79
C LEU B 144 11.75 -2.49 5.30
N GLY B 145 11.88 -3.59 6.05
CA GLY B 145 11.93 -3.50 7.49
C GLY B 145 13.23 -2.88 7.95
N GLY B 146 13.33 -2.67 9.27
CA GLY B 146 14.54 -2.08 9.82
C GLY B 146 15.76 -2.94 9.56
N HIS B 147 16.90 -2.28 9.38
CA HIS B 147 18.21 -2.93 9.29
C HIS B 147 18.34 -3.83 8.07
N VAL B 148 17.53 -3.62 7.03
CA VAL B 148 17.59 -4.44 5.83
C VAL B 148 18.71 -3.93 4.93
N THR B 149 19.44 -4.85 4.32
CA THR B 149 20.52 -4.51 3.39
C THR B 149 20.18 -5.02 2.00
N LEU B 150 20.25 -4.12 1.03
CA LEU B 150 20.09 -4.45 -0.38
C LEU B 150 21.42 -4.31 -1.10
N GLY B 151 21.81 -5.33 -1.86
CA GLY B 151 22.98 -5.23 -2.70
C GLY B 151 22.73 -4.33 -3.90
N ASP B 152 23.45 -4.56 -4.99
CA ASP B 152 23.30 -3.77 -6.20
C ASP B 152 22.36 -4.46 -7.19
N TYR B 153 21.60 -3.66 -7.93
CA TYR B 153 20.72 -4.13 -9.00
C TYR B 153 19.62 -5.05 -8.46
N VAL B 154 19.14 -4.78 -7.25
CA VAL B 154 18.09 -5.59 -6.65
C VAL B 154 16.73 -5.09 -7.14
N ILE B 155 15.82 -6.02 -7.41
CA ILE B 155 14.45 -5.70 -7.82
C ILE B 155 13.50 -6.30 -6.79
N ILE B 156 12.76 -5.43 -6.09
CA ILE B 156 11.71 -5.86 -5.17
C ILE B 156 10.37 -5.61 -5.86
N GLY B 157 9.60 -6.69 -6.04
CA GLY B 157 8.32 -6.59 -6.71
C GLY B 157 7.29 -5.79 -5.91
N GLY B 158 6.19 -5.47 -6.58
CA GLY B 158 5.18 -4.63 -5.98
C GLY B 158 4.50 -5.31 -4.80
N MET B 159 4.19 -4.51 -3.78
N MET B 159 4.22 -4.51 -3.77
CA MET B 159 3.50 -4.99 -2.57
CA MET B 159 3.51 -4.97 -2.57
C MET B 159 4.25 -6.15 -1.91
C MET B 159 4.24 -6.13 -1.89
N SER B 160 5.57 -6.05 -1.88
CA SER B 160 6.42 -7.05 -1.23
C SER B 160 7.12 -6.45 -0.03
N ALA B 161 7.46 -7.30 0.93
CA ALA B 161 8.04 -6.88 2.20
C ALA B 161 9.27 -7.71 2.52
N VAL B 162 10.36 -7.04 2.90
CA VAL B 162 11.56 -7.68 3.42
C VAL B 162 11.59 -7.48 4.93
N HIS B 163 11.55 -8.59 5.68
CA HIS B 163 11.54 -8.51 7.14
C HIS B 163 12.85 -7.90 7.65
N GLN B 164 12.79 -7.45 8.91
CA GLN B 164 13.93 -6.72 9.48
C GLN B 164 15.18 -7.59 9.54
N PHE B 165 16.33 -6.93 9.36
CA PHE B 165 17.67 -7.52 9.42
C PHE B 165 18.00 -8.41 8.23
N CYS B 166 17.04 -8.68 7.35
CA CYS B 166 17.30 -9.58 6.24
C CYS B 166 18.22 -8.94 5.21
N GLN B 167 19.06 -9.77 4.60
CA GLN B 167 20.05 -9.34 3.62
C GLN B 167 19.64 -9.87 2.25
N ILE B 168 19.50 -8.95 1.29
CA ILE B 168 19.17 -9.29 -0.09
C ILE B 168 20.43 -9.09 -0.93
N GLY B 169 20.94 -10.18 -1.51
CA GLY B 169 22.13 -10.09 -2.32
C GLY B 169 21.90 -9.33 -3.61
N SER B 170 23.01 -9.00 -4.27
CA SER B 170 22.95 -8.25 -5.51
C SER B 170 22.29 -9.05 -6.62
N HIS B 171 21.64 -8.34 -7.55
CA HIS B 171 21.01 -8.91 -8.73
C HIS B 171 19.85 -9.86 -8.39
N VAL B 172 19.29 -9.73 -7.20
CA VAL B 172 18.15 -10.55 -6.79
C VAL B 172 16.87 -9.93 -7.33
N MET B 173 15.95 -10.78 -7.78
CA MET B 173 14.59 -10.36 -8.11
C MET B 173 13.63 -11.00 -7.12
N VAL B 174 12.93 -10.16 -6.36
CA VAL B 174 11.85 -10.60 -5.48
C VAL B 174 10.54 -10.39 -6.22
N GLY B 175 9.75 -11.44 -6.34
CA GLY B 175 8.47 -11.34 -7.02
C GLY B 175 7.48 -10.47 -6.27
N GLY B 176 6.42 -10.10 -6.98
CA GLY B 176 5.38 -9.28 -6.37
C GLY B 176 4.62 -10.06 -5.31
N CYS B 177 4.14 -9.32 -4.30
CA CYS B 177 3.39 -9.88 -3.18
C CYS B 177 4.13 -11.07 -2.56
N SER B 178 5.39 -10.83 -2.23
CA SER B 178 6.25 -11.85 -1.63
C SER B 178 6.80 -11.35 -0.31
N GLY B 179 6.82 -12.24 0.69
CA GLY B 179 7.39 -11.93 1.98
C GLY B 179 8.72 -12.63 2.20
N VAL B 180 9.80 -11.86 2.25
CA VAL B 180 11.14 -12.40 2.43
C VAL B 180 11.47 -12.43 3.92
N ALA B 181 11.68 -13.63 4.46
CA ALA B 181 11.94 -13.81 5.89
C ALA B 181 13.36 -14.28 6.20
N GLN B 182 14.11 -14.75 5.22
N GLN B 182 14.11 -14.75 5.22
CA GLN B 182 15.49 -15.17 5.39
CA GLN B 182 15.50 -15.15 5.41
C GLN B 182 16.35 -14.48 4.35
C GLN B 182 16.35 -14.50 4.33
N ASP B 183 17.66 -14.69 4.44
CA ASP B 183 18.59 -14.06 3.52
C ASP B 183 18.46 -14.66 2.12
N VAL B 184 18.63 -13.82 1.11
CA VAL B 184 18.50 -14.22 -0.30
C VAL B 184 19.88 -14.09 -0.94
N PRO B 185 20.51 -15.19 -1.36
CA PRO B 185 21.82 -15.10 -1.99
C PRO B 185 21.75 -14.34 -3.29
N PRO B 186 22.87 -13.79 -3.76
CA PRO B 186 22.85 -12.98 -4.99
C PRO B 186 22.39 -13.79 -6.19
N PHE B 187 21.90 -13.06 -7.20
CA PHE B 187 21.50 -13.57 -8.51
C PHE B 187 20.28 -14.48 -8.48
N VAL B 188 19.56 -14.55 -7.36
CA VAL B 188 18.51 -15.54 -7.18
C VAL B 188 17.14 -14.87 -7.26
N ILE B 189 16.17 -15.62 -7.81
CA ILE B 189 14.78 -15.20 -7.82
C ILE B 189 14.10 -15.75 -6.56
N ALA B 190 13.36 -14.89 -5.87
CA ALA B 190 12.63 -15.27 -4.66
C ALA B 190 11.16 -14.88 -4.83
N GLN B 191 10.26 -15.83 -4.53
N GLN B 191 10.26 -15.83 -4.51
CA GLN B 191 8.84 -15.63 -4.70
CA GLN B 191 8.83 -15.60 -4.69
C GLN B 191 8.09 -16.37 -3.60
C GLN B 191 8.07 -16.39 -3.63
N GLY B 192 6.98 -15.80 -3.15
CA GLY B 192 6.11 -16.43 -2.17
C GLY B 192 6.15 -15.74 -0.82
N ASN B 193 5.31 -16.25 0.09
CA ASN B 193 5.27 -15.79 1.47
C ASN B 193 5.10 -17.02 2.36
N HIS B 194 6.19 -17.44 3.01
CA HIS B 194 7.49 -16.78 2.91
C HIS B 194 8.20 -17.17 1.61
N ALA B 195 9.07 -16.27 1.15
CA ALA B 195 9.68 -16.43 -0.17
C ALA B 195 10.64 -17.62 -0.20
N THR B 196 10.68 -18.28 -1.35
CA THR B 196 11.53 -19.43 -1.62
C THR B 196 12.24 -19.19 -2.94
N PRO B 197 13.39 -19.85 -3.16
CA PRO B 197 14.14 -19.59 -4.40
C PRO B 197 13.58 -20.35 -5.58
N TYR B 198 13.62 -19.71 -6.75
CA TYR B 198 13.15 -20.27 -8.02
C TYR B 198 14.19 -20.11 -9.10
N GLY B 199 15.43 -20.49 -8.79
CA GLY B 199 16.50 -20.42 -9.76
C GLY B 199 17.15 -19.05 -9.85
N LEU B 200 17.90 -18.87 -10.94
CA LEU B 200 18.66 -17.66 -11.19
C LEU B 200 17.79 -16.60 -11.86
N ASN B 201 18.12 -15.34 -11.58
CA ASN B 201 17.51 -14.20 -12.27
C ASN B 201 18.15 -14.03 -13.66
N ILE B 202 17.97 -15.08 -14.49
CA ILE B 202 18.63 -15.13 -15.79
C ILE B 202 18.18 -13.98 -16.67
N GLU B 203 16.94 -13.52 -16.53
CA GLU B 203 16.46 -12.43 -17.37
C GLU B 203 17.14 -11.11 -17.02
N GLY B 204 17.40 -10.88 -15.73
CA GLY B 204 18.07 -9.66 -15.33
C GLY B 204 19.54 -9.65 -15.69
N LEU B 205 20.21 -10.78 -15.53
CA LEU B 205 21.64 -10.86 -15.82
C LEU B 205 21.91 -10.69 -17.31
N LYS B 206 21.11 -11.33 -18.16
CA LYS B 206 21.29 -11.14 -19.61
C LYS B 206 20.93 -9.73 -20.04
N ARG B 207 20.07 -9.05 -19.28
CA ARG B 207 19.74 -7.66 -19.58
C ARG B 207 20.92 -6.73 -19.28
N ARG B 208 21.75 -7.08 -18.30
CA ARG B 208 22.87 -6.25 -17.89
C ARG B 208 24.19 -6.69 -18.52
N GLY B 209 24.13 -7.44 -19.62
CA GLY B 209 25.33 -7.79 -20.38
C GLY B 209 26.23 -8.82 -19.75
N PHE B 210 25.66 -9.80 -19.05
CA PHE B 210 26.47 -10.86 -18.45
C PHE B 210 26.96 -11.83 -19.53
N ALA B 211 28.25 -12.12 -19.51
CA ALA B 211 28.83 -13.04 -20.47
C ALA B 211 28.32 -14.47 -20.20
N LYS B 212 28.38 -15.29 -21.24
CA LYS B 212 27.87 -16.66 -21.13
C LYS B 212 28.70 -17.49 -20.15
N GLU B 213 29.99 -17.20 -20.03
CA GLU B 213 30.82 -17.93 -19.07
C GLU B 213 30.46 -17.57 -17.63
N ASP B 214 30.15 -16.29 -17.37
CA ASP B 214 29.75 -15.89 -16.04
C ASP B 214 28.44 -16.53 -15.61
N LEU B 215 27.54 -16.78 -16.56
CA LEU B 215 26.25 -17.38 -16.22
C LEU B 215 26.43 -18.83 -15.76
N HIS B 216 27.18 -19.62 -16.52
CA HIS B 216 27.43 -21.01 -16.13
C HIS B 216 28.24 -21.10 -14.84
N ALA B 217 29.07 -20.09 -14.56
CA ALA B 217 29.78 -20.08 -13.30
C ALA B 217 28.85 -19.82 -12.13
N ILE B 218 27.92 -18.88 -12.29
CA ILE B 218 26.97 -18.58 -11.22
C ILE B 218 25.98 -19.73 -11.04
N ARG B 219 25.53 -20.32 -12.15
CA ARG B 219 24.58 -21.43 -12.06
C ARG B 219 25.20 -22.62 -11.35
N ASN B 220 26.48 -22.89 -11.59
CA ASN B 220 27.16 -23.99 -10.90
C ASN B 220 27.21 -23.73 -9.40
N ALA B 221 27.47 -22.48 -9.00
CA ALA B 221 27.45 -22.14 -7.58
C ALA B 221 26.05 -22.28 -7.00
N TYR B 222 25.02 -22.08 -7.81
CA TYR B 222 23.66 -22.29 -7.34
C TYR B 222 23.35 -23.77 -7.15
N LYS B 223 23.83 -24.62 -8.07
CA LYS B 223 23.63 -26.05 -7.91
C LYS B 223 24.28 -26.55 -6.62
N ILE B 224 25.46 -26.02 -6.29
CA ILE B 224 26.17 -26.44 -5.09
C ILE B 224 25.40 -26.04 -3.84
N LEU B 225 24.75 -24.87 -3.86
CA LEU B 225 24.09 -24.36 -2.67
C LEU B 225 22.77 -25.08 -2.41
N TYR B 226 21.91 -25.18 -3.43
CA TYR B 226 20.55 -25.66 -3.25
C TYR B 226 20.29 -27.04 -3.82
N ARG B 227 20.74 -27.30 -5.05
CA ARG B 227 20.30 -28.48 -5.79
C ARG B 227 21.37 -29.56 -5.87
N ASN B 228 22.11 -29.77 -4.78
CA ASN B 228 23.06 -30.89 -4.71
C ASN B 228 22.99 -31.68 -3.41
N GLY B 229 22.04 -31.39 -2.52
CA GLY B 229 21.94 -32.10 -1.27
C GLY B 229 22.97 -31.74 -0.23
N LYS B 230 23.93 -30.88 -0.55
CA LYS B 230 24.98 -30.50 0.39
C LYS B 230 24.46 -29.48 1.38
N THR B 231 24.91 -29.60 2.63
CA THR B 231 24.47 -28.70 3.68
C THR B 231 25.07 -27.31 3.49
N LEU B 232 24.59 -26.36 4.29
CA LEU B 232 25.05 -24.98 4.17
C LEU B 232 26.55 -24.87 4.45
N GLU B 233 27.03 -25.60 5.45
CA GLU B 233 28.46 -25.58 5.76
C GLU B 233 29.28 -26.17 4.62
N GLU B 234 28.79 -27.27 4.03
CA GLU B 234 29.54 -27.90 2.95
C GLU B 234 29.51 -27.07 1.68
N ALA B 235 28.37 -26.43 1.38
CA ALA B 235 28.29 -25.58 0.20
C ALA B 235 29.21 -24.37 0.32
N ARG B 236 29.26 -23.76 1.50
CA ARG B 236 30.13 -22.62 1.71
C ARG B 236 31.60 -22.98 1.49
N GLU B 237 31.98 -24.21 1.84
CA GLU B 237 33.37 -24.63 1.67
C GLU B 237 33.73 -24.78 0.20
N GLU B 238 32.85 -25.41 -0.59
CA GLU B 238 33.13 -25.60 -2.00
C GLU B 238 33.10 -24.28 -2.76
N ILE B 239 32.10 -23.45 -2.49
CA ILE B 239 31.98 -22.17 -3.19
C ILE B 239 33.16 -21.27 -2.87
N ALA B 240 33.59 -21.25 -1.61
CA ALA B 240 34.78 -20.49 -1.24
C ALA B 240 36.02 -21.03 -1.96
N GLN B 241 36.07 -22.35 -2.18
CA GLN B 241 37.19 -22.93 -2.91
C GLN B 241 37.13 -22.58 -4.40
N LEU B 242 35.92 -22.35 -4.93
CA LEU B 242 35.79 -21.97 -6.33
C LEU B 242 36.23 -20.53 -6.55
N ALA B 243 35.88 -19.63 -5.63
CA ALA B 243 36.27 -18.23 -5.78
C ALA B 243 37.77 -18.06 -5.69
N ALA B 244 38.44 -18.85 -4.85
CA ALA B 244 39.88 -18.74 -4.70
C ALA B 244 40.63 -19.31 -5.89
N ASP B 245 40.09 -20.38 -6.50
CA ASP B 245 40.81 -21.05 -7.58
C ASP B 245 40.58 -20.36 -8.92
N ASN B 246 39.34 -20.03 -9.24
CA ASN B 246 39.00 -19.51 -10.56
C ASN B 246 38.97 -17.99 -10.62
N ASN B 247 38.96 -17.30 -9.47
CA ASN B 247 39.02 -15.84 -9.41
C ASN B 247 37.83 -15.18 -10.10
N ASN B 248 36.72 -15.89 -10.27
CA ASN B 248 35.55 -15.31 -10.90
C ASN B 248 34.93 -14.26 -9.99
N GLN B 249 34.67 -13.07 -10.54
CA GLN B 249 34.25 -11.94 -9.71
C GLN B 249 32.87 -12.16 -9.12
N TYR B 250 32.00 -12.91 -9.79
CA TYR B 250 30.65 -13.12 -9.29
C TYR B 250 30.53 -14.32 -8.37
N VAL B 251 31.36 -15.34 -8.55
CA VAL B 251 31.41 -16.41 -7.56
C VAL B 251 31.96 -15.88 -6.24
N LYS B 252 32.88 -14.92 -6.31
CA LYS B 252 33.36 -14.27 -5.09
C LYS B 252 32.23 -13.56 -4.35
N ILE B 253 31.47 -12.73 -5.07
CA ILE B 253 30.32 -12.05 -4.50
C ILE B 253 29.34 -13.04 -3.91
N PHE B 254 29.20 -14.21 -4.54
CA PHE B 254 28.27 -15.23 -4.04
C PHE B 254 28.74 -15.77 -2.69
N SER B 255 30.01 -16.15 -2.60
CA SER B 255 30.51 -16.74 -1.36
C SER B 255 30.61 -15.69 -0.26
N ASP B 256 31.03 -14.46 -0.60
CA ASP B 256 31.13 -13.40 0.39
C ASP B 256 29.79 -13.15 1.07
N PHE B 257 28.70 -13.15 0.31
CA PHE B 257 27.38 -13.01 0.89
C PHE B 257 27.09 -14.15 1.86
N LEU B 258 27.45 -15.37 1.48
CA LEU B 258 27.18 -16.52 2.34
C LEU B 258 28.00 -16.44 3.63
N GLU B 259 29.23 -15.93 3.54
CA GLU B 259 30.04 -15.80 4.75
C GLU B 259 29.50 -14.72 5.67
N ASN B 260 29.05 -13.60 5.09
CA ASN B 260 28.47 -12.53 5.92
C ASN B 260 27.13 -12.97 6.51
N SER B 261 26.36 -13.74 5.76
CA SER B 261 25.11 -14.27 6.31
C SER B 261 25.36 -15.30 7.40
N ALA B 262 26.50 -15.99 7.33
CA ALA B 262 26.84 -16.98 8.36
C ALA B 262 27.06 -16.36 9.72
N LYS B 263 27.38 -15.06 9.78
CA LYS B 263 27.59 -14.39 11.06
C LYS B 263 26.29 -14.18 11.83
N SER B 264 25.14 -14.46 11.23
CA SER B 264 23.84 -14.32 11.88
C SER B 264 23.12 -15.66 11.85
N ASN B 265 21.95 -15.70 12.50
CA ASN B 265 21.18 -16.92 12.63
C ASN B 265 19.95 -16.96 11.74
N ARG B 266 19.74 -15.95 10.88
CA ARG B 266 18.58 -15.95 10.01
C ARG B 266 18.59 -17.12 9.03
N GLY B 267 19.76 -17.40 8.45
CA GLY B 267 19.85 -18.39 7.40
C GLY B 267 19.43 -17.82 6.05
N ILE B 268 19.45 -18.68 5.05
CA ILE B 268 19.05 -18.31 3.70
C ILE B 268 17.71 -18.94 3.37
N ILE B 269 17.04 -18.37 2.37
CA ILE B 269 15.78 -18.93 1.92
C ILE B 269 16.04 -20.29 1.27
N ARG B 270 15.02 -21.15 1.28
CA ARG B 270 15.18 -22.51 0.81
C ARG B 270 13.83 -23.18 0.52
N ALA C 3 -13.25 32.87 20.69
CA ALA C 3 -12.19 32.02 20.17
C ALA C 3 -11.89 30.87 21.14
N MET C 4 -11.92 29.65 20.63
CA MET C 4 -11.65 28.46 21.44
C MET C 4 -10.23 27.94 21.26
N ILE C 5 -9.41 28.61 20.46
CA ILE C 5 -8.00 28.24 20.33
C ILE C 5 -7.27 28.71 21.58
N ASP C 6 -6.67 27.77 22.31
CA ASP C 6 -5.94 28.12 23.51
C ASP C 6 -4.72 28.96 23.17
N LYS C 7 -4.44 29.96 24.02
CA LYS C 7 -3.38 30.92 23.74
C LYS C 7 -1.99 30.28 23.78
N SER C 8 -1.83 29.18 24.50
CA SER C 8 -0.54 28.48 24.54
C SER C 8 -0.32 27.57 23.34
N ALA C 9 -1.32 27.40 22.48
CA ALA C 9 -1.15 26.60 21.27
C ALA C 9 -0.31 27.36 20.24
N VAL C 10 0.48 26.62 19.48
CA VAL C 10 1.40 27.20 18.50
C VAL C 10 0.99 26.66 17.14
N ILE C 11 0.33 27.50 16.34
CA ILE C 11 -0.15 27.14 15.01
C ILE C 11 0.66 27.93 13.98
N HIS C 12 1.19 27.22 12.99
CA HIS C 12 1.91 27.90 11.93
C HIS C 12 0.94 28.75 11.11
N PRO C 13 1.32 29.98 10.74
CA PRO C 13 0.37 30.89 10.08
C PRO C 13 -0.16 30.38 8.75
N SER C 14 0.55 29.50 8.06
CA SER C 14 0.07 29.01 6.77
C SER C 14 -1.12 28.07 6.91
N SER C 15 -1.35 27.52 8.10
CA SER C 15 -2.43 26.56 8.28
C SER C 15 -3.78 27.25 8.34
N ILE C 16 -4.81 26.54 7.90
CA ILE C 16 -6.18 27.05 7.85
C ILE C 16 -6.96 26.42 8.99
N ILE C 17 -7.29 27.22 9.99
CA ILE C 17 -8.08 26.80 11.15
C ILE C 17 -9.44 27.47 11.03
N GLU C 18 -10.46 26.69 10.67
CA GLU C 18 -11.77 27.27 10.43
C GLU C 18 -12.42 27.70 11.76
N GLU C 19 -13.18 28.79 11.68
CA GLU C 19 -13.90 29.29 12.84
C GLU C 19 -14.81 28.22 13.41
N GLY C 20 -14.58 27.84 14.66
CA GLY C 20 -15.32 26.80 15.33
C GLY C 20 -14.47 25.66 15.85
N ALA C 21 -13.27 25.47 15.30
CA ALA C 21 -12.37 24.44 15.79
C ALA C 21 -11.94 24.76 17.22
N VAL C 22 -11.92 23.73 18.06
CA VAL C 22 -11.49 23.87 19.45
C VAL C 22 -10.13 23.21 19.58
N ILE C 23 -9.15 23.97 20.05
CA ILE C 23 -7.76 23.52 20.14
C ILE C 23 -7.27 23.78 21.55
N GLY C 24 -6.89 22.72 22.25
CA GLY C 24 -6.49 22.82 23.64
C GLY C 24 -5.10 23.38 23.83
N ALA C 25 -4.69 23.43 25.10
CA ALA C 25 -3.42 24.02 25.46
C ALA C 25 -2.26 23.16 24.98
N ASN C 26 -1.16 23.83 24.63
CA ASN C 26 0.11 23.20 24.25
C ASN C 26 -0.01 22.35 22.98
N VAL C 27 -1.05 22.56 22.18
CA VAL C 27 -1.16 21.89 20.89
C VAL C 27 -0.23 22.59 19.90
N ARG C 28 0.46 21.80 19.10
CA ARG C 28 1.32 22.32 18.04
C ARG C 28 0.83 21.81 16.70
N ILE C 29 0.70 22.72 15.74
CA ILE C 29 0.19 22.39 14.41
C ILE C 29 1.17 22.95 13.38
N GLY C 30 1.72 22.06 12.55
CA GLY C 30 2.67 22.46 11.55
C GLY C 30 2.00 23.18 10.39
N PRO C 31 2.81 23.53 9.39
CA PRO C 31 2.28 24.31 8.26
C PRO C 31 1.42 23.48 7.33
N PHE C 32 0.63 24.18 6.52
CA PHE C 32 -0.14 23.59 5.42
C PHE C 32 -1.17 22.58 5.91
N CYS C 33 -1.70 22.78 7.11
CA CYS C 33 -2.77 21.93 7.63
C CYS C 33 -4.13 22.57 7.36
N VAL C 34 -5.16 21.71 7.37
CA VAL C 34 -6.55 22.14 7.24
C VAL C 34 -7.32 21.46 8.37
N ILE C 35 -7.84 22.27 9.30
CA ILE C 35 -8.59 21.77 10.45
C ILE C 35 -10.01 22.30 10.35
N GLY C 36 -10.98 21.40 10.34
CA GLY C 36 -12.37 21.79 10.16
C GLY C 36 -12.97 22.46 11.38
N SER C 37 -14.15 23.03 11.17
CA SER C 37 -14.83 23.82 12.20
C SER C 37 -15.49 22.96 13.29
N HIS C 38 -15.56 21.65 13.11
CA HIS C 38 -16.14 20.76 14.11
C HIS C 38 -15.11 19.81 14.68
N VAL C 39 -13.85 20.20 14.65
CA VAL C 39 -12.75 19.41 15.18
C VAL C 39 -12.41 19.90 16.58
N GLU C 40 -12.14 18.95 17.48
CA GLU C 40 -11.64 19.26 18.82
C GLU C 40 -10.32 18.52 19.02
N ILE C 41 -9.29 19.25 19.44
CA ILE C 41 -7.95 18.71 19.61
C ILE C 41 -7.53 18.89 21.05
N GLY C 42 -7.12 17.79 21.71
CA GLY C 42 -6.81 17.82 23.12
C GLY C 42 -5.38 18.26 23.42
N GLU C 43 -5.13 18.50 24.71
CA GLU C 43 -3.88 19.10 25.16
C GLU C 43 -2.66 18.29 24.73
N GLY C 44 -1.59 19.01 24.41
CA GLY C 44 -0.30 18.39 24.12
C GLY C 44 -0.20 17.66 22.80
N THR C 45 -1.28 17.57 22.04
CA THR C 45 -1.27 16.83 20.79
C THR C 45 -0.38 17.54 19.77
N ASP C 46 0.47 16.78 19.09
CA ASP C 46 1.39 17.29 18.09
C ASP C 46 0.87 16.91 16.70
N ILE C 47 0.69 17.91 15.84
CA ILE C 47 0.22 17.70 14.48
C ILE C 47 1.26 18.26 13.53
N LYS C 48 1.84 17.38 12.70
CA LYS C 48 2.88 17.78 11.77
C LYS C 48 2.25 18.53 10.59
N SER C 49 3.01 18.70 9.51
CA SER C 49 2.55 19.48 8.37
C SER C 49 1.66 18.64 7.47
N HIS C 50 0.92 19.34 6.59
CA HIS C 50 0.11 18.70 5.54
C HIS C 50 -0.89 17.70 6.11
N VAL C 51 -1.55 18.05 7.21
CA VAL C 51 -2.56 17.19 7.83
C VAL C 51 -3.93 17.79 7.59
N VAL C 52 -4.89 16.93 7.22
CA VAL C 52 -6.28 17.31 7.01
C VAL C 52 -7.12 16.64 8.09
N ILE C 53 -7.81 17.44 8.89
CA ILE C 53 -8.72 16.94 9.92
C ILE C 53 -10.04 17.69 9.80
N ASN C 54 -11.13 16.97 9.53
CA ASN C 54 -12.43 17.60 9.37
C ASN C 54 -13.50 16.67 9.94
N GLY C 55 -14.76 16.96 9.64
CA GLY C 55 -15.87 16.24 10.22
C GLY C 55 -16.05 16.58 11.68
N HIS C 56 -17.00 15.89 12.31
CA HIS C 56 -17.23 16.01 13.75
C HIS C 56 -16.24 15.08 14.44
N THR C 57 -15.05 15.61 14.72
CA THR C 57 -13.92 14.81 15.15
C THR C 57 -13.37 15.33 16.47
N ARG C 58 -13.27 14.45 17.46
CA ARG C 58 -12.67 14.77 18.76
C ARG C 58 -11.39 13.96 18.91
N ILE C 59 -10.28 14.67 19.13
CA ILE C 59 -8.97 14.05 19.32
C ILE C 59 -8.52 14.34 20.75
N GLY C 60 -8.07 13.29 21.44
CA GLY C 60 -7.68 13.39 22.84
C GLY C 60 -6.35 14.07 23.08
N ARG C 61 -5.68 13.70 24.17
CA ARG C 61 -4.46 14.36 24.60
C ARG C 61 -3.22 13.63 24.10
N ASP C 62 -2.17 14.41 23.83
CA ASP C 62 -0.81 13.91 23.64
C ASP C 62 -0.70 12.97 22.43
N ASN C 63 -1.50 13.22 21.40
CA ASN C 63 -1.41 12.44 20.17
C ASN C 63 -0.34 13.03 19.26
N GLN C 64 0.23 12.17 18.42
CA GLN C 64 1.22 12.57 17.42
C GLN C 64 0.69 12.18 16.06
N ILE C 65 0.34 13.17 15.24
CA ILE C 65 -0.24 12.95 13.92
C ILE C 65 0.73 13.47 12.87
N TYR C 66 1.24 12.57 12.04
CA TYR C 66 2.30 12.90 11.09
C TYR C 66 1.71 13.36 9.76
N GLN C 67 2.61 13.70 8.84
CA GLN C 67 2.22 14.40 7.62
C GLN C 67 1.41 13.53 6.68
N PHE C 68 0.53 14.19 5.91
CA PHE C 68 -0.33 13.60 4.89
C PHE C 68 -1.37 12.65 5.45
N ALA C 69 -1.58 12.67 6.76
CA ALA C 69 -2.67 11.93 7.37
C ALA C 69 -4.00 12.64 7.13
N SER C 70 -5.08 11.87 7.07
CA SER C 70 -6.43 12.41 6.92
C SER C 70 -7.32 11.76 7.96
N ILE C 71 -7.94 12.58 8.81
CA ILE C 71 -8.75 12.11 9.93
C ILE C 71 -10.11 12.77 9.86
N GLY C 72 -11.17 11.95 9.83
CA GLY C 72 -12.53 12.45 9.85
C GLY C 72 -13.17 12.67 8.49
N GLU C 73 -12.53 12.20 7.42
CA GLU C 73 -13.00 12.45 6.08
C GLU C 73 -14.23 11.60 5.76
N VAL C 74 -14.99 12.05 4.76
CA VAL C 74 -16.13 11.28 4.25
C VAL C 74 -15.68 9.86 3.92
N ASN C 75 -16.43 8.88 4.40
CA ASN C 75 -16.05 7.50 4.22
C ASN C 75 -16.32 7.04 2.78
N GLN C 76 -15.86 5.84 2.47
CA GLN C 76 -16.02 5.26 1.14
C GLN C 76 -17.27 4.41 1.00
N ASP C 77 -18.08 4.30 2.06
CA ASP C 77 -19.35 3.60 1.97
C ASP C 77 -20.30 4.36 1.07
N LEU C 78 -20.78 3.71 0.02
CA LEU C 78 -21.62 4.39 -0.97
C LEU C 78 -23.04 4.64 -0.49
N LYS C 79 -23.41 4.13 0.68
CA LYS C 79 -24.71 4.39 1.28
C LYS C 79 -24.70 5.61 2.20
N TYR C 80 -23.54 6.22 2.40
CA TYR C 80 -23.42 7.42 3.20
C TYR C 80 -23.97 8.62 2.44
N ARG C 81 -24.52 9.58 3.18
CA ARG C 81 -25.25 10.70 2.59
C ARG C 81 -25.02 11.98 3.39
N GLY C 82 -23.77 12.24 3.76
CA GLY C 82 -23.40 13.49 4.38
C GLY C 82 -23.99 13.76 5.75
N GLU C 83 -24.33 12.72 6.51
CA GLU C 83 -24.84 12.93 7.86
C GLU C 83 -23.69 13.31 8.80
N PRO C 84 -24.00 14.01 9.89
CA PRO C 84 -22.92 14.47 10.81
C PRO C 84 -22.42 13.38 11.73
N THR C 85 -21.67 12.43 11.15
CA THR C 85 -21.09 11.34 11.91
C THR C 85 -19.73 11.73 12.46
N GLN C 86 -19.17 10.86 13.30
CA GLN C 86 -18.09 11.26 14.20
C GLN C 86 -16.87 10.36 14.06
N VAL C 87 -15.75 10.91 14.51
CA VAL C 87 -14.53 10.16 14.79
C VAL C 87 -14.10 10.52 16.21
N ILE C 88 -13.78 9.50 17.02
CA ILE C 88 -13.30 9.70 18.38
C ILE C 88 -11.96 9.01 18.50
N ILE C 89 -10.94 9.76 18.90
CA ILE C 89 -9.58 9.26 19.06
C ILE C 89 -9.14 9.56 20.49
N GLY C 90 -8.62 8.54 21.18
CA GLY C 90 -8.19 8.69 22.55
C GLY C 90 -6.86 9.40 22.70
N ASP C 91 -6.06 8.99 23.67
CA ASP C 91 -4.86 9.72 24.07
C ASP C 91 -3.59 8.96 23.72
N ARG C 92 -2.55 9.72 23.41
CA ARG C 92 -1.18 9.20 23.25
C ARG C 92 -1.08 8.20 22.09
N ASN C 93 -1.83 8.43 21.03
CA ASN C 93 -1.75 7.59 19.85
C ASN C 93 -0.69 8.12 18.88
N LEU C 94 -0.06 7.20 18.16
CA LEU C 94 0.94 7.54 17.16
C LEU C 94 0.34 7.27 15.78
N ILE C 95 0.08 8.33 15.02
CA ILE C 95 -0.63 8.26 13.75
C ILE C 95 0.35 8.71 12.67
N ARG C 96 0.94 7.73 11.97
CA ARG C 96 2.08 7.98 11.09
C ARG C 96 1.63 8.54 9.73
N GLU C 97 2.56 8.64 8.79
CA GLU C 97 2.31 9.33 7.53
C GLU C 97 1.21 8.66 6.71
N SER C 98 0.37 9.49 6.10
CA SER C 98 -0.65 9.07 5.13
C SER C 98 -1.67 8.09 5.70
N VAL C 99 -1.85 8.09 7.02
CA VAL C 99 -2.94 7.32 7.62
C VAL C 99 -4.26 7.99 7.29
N THR C 100 -5.29 7.19 7.01
CA THR C 100 -6.65 7.67 6.80
C THR C 100 -7.58 7.04 7.82
N ILE C 101 -8.37 7.88 8.49
CA ILE C 101 -9.38 7.44 9.45
C ILE C 101 -10.69 8.14 9.06
N HIS C 102 -11.66 7.35 8.61
CA HIS C 102 -12.90 7.90 8.07
C HIS C 102 -14.00 7.96 9.14
N ARG C 103 -14.92 8.89 8.95
CA ARG C 103 -16.06 9.05 9.86
C ARG C 103 -17.01 7.86 9.74
N GLY C 104 -17.90 7.73 10.72
CA GLY C 104 -18.83 6.63 10.77
C GLY C 104 -20.01 6.82 9.82
N THR C 105 -20.95 5.89 9.92
CA THR C 105 -22.22 5.96 9.20
C THR C 105 -23.37 5.84 10.20
N THR C 106 -24.50 6.47 9.87
CA THR C 106 -25.66 6.38 10.75
C THR C 106 -26.18 4.96 10.83
N GLN C 107 -26.03 4.18 9.76
CA GLN C 107 -26.50 2.80 9.76
C GLN C 107 -25.65 1.89 10.64
N GLY C 108 -24.44 2.30 11.00
CA GLY C 108 -23.52 1.40 11.67
C GLY C 108 -23.03 1.86 13.03
N GLY C 109 -23.73 2.82 13.64
CA GLY C 109 -23.41 3.26 14.98
C GLY C 109 -22.92 4.69 15.08
N ASN C 110 -22.73 5.39 13.96
CA ASN C 110 -22.45 6.82 13.87
C ASN C 110 -21.01 7.19 14.22
N ILE C 111 -20.19 6.27 14.74
CA ILE C 111 -18.91 6.62 15.32
C ILE C 111 -17.82 5.68 14.82
N THR C 112 -16.66 6.25 14.49
CA THR C 112 -15.40 5.51 14.35
C THR C 112 -14.55 5.84 15.56
N LYS C 113 -14.17 4.82 16.34
CA LYS C 113 -13.58 5.01 17.65
C LYS C 113 -12.21 4.36 17.76
N ILE C 114 -11.28 5.08 18.37
CA ILE C 114 -9.91 4.62 18.60
C ILE C 114 -9.54 4.97 20.04
N GLY C 115 -9.00 4.00 20.77
CA GLY C 115 -8.65 4.19 22.17
C GLY C 115 -7.34 4.91 22.41
N ASN C 116 -6.57 4.45 23.40
CA ASN C 116 -5.35 5.11 23.82
C ASN C 116 -4.13 4.27 23.47
N ASP C 117 -3.00 4.95 23.26
CA ASP C 117 -1.68 4.32 23.19
C ASP C 117 -1.53 3.40 22.00
N ASN C 118 -2.18 3.73 20.88
CA ASN C 118 -2.13 2.92 19.66
C ASN C 118 -1.07 3.44 18.71
N LEU C 119 -0.55 2.54 17.87
CA LEU C 119 0.38 2.90 16.81
C LEU C 119 -0.24 2.51 15.47
N LEU C 120 -0.47 3.51 14.62
CA LEU C 120 -0.97 3.31 13.27
C LEU C 120 0.17 3.67 12.32
N MET C 121 0.79 2.65 11.73
CA MET C 121 1.96 2.87 10.90
C MET C 121 1.56 3.41 9.53
N ILE C 122 2.57 3.68 8.69
CA ILE C 122 2.37 4.42 7.45
C ILE C 122 1.31 3.76 6.57
N ASN C 123 0.37 4.58 6.10
N ASN C 123 0.37 4.58 6.10
CA ASN C 123 -0.67 4.17 5.15
CA ASN C 123 -0.67 4.18 5.14
C ASN C 123 -1.65 3.17 5.77
C ASN C 123 -1.73 3.27 5.76
N THR C 124 -1.86 3.26 7.08
CA THR C 124 -2.93 2.51 7.72
C THR C 124 -4.28 3.14 7.34
N HIS C 125 -5.25 2.29 7.02
CA HIS C 125 -6.61 2.75 6.76
C HIS C 125 -7.56 2.20 7.81
N VAL C 126 -8.33 3.09 8.44
CA VAL C 126 -9.37 2.73 9.39
C VAL C 126 -10.69 3.18 8.78
N ALA C 127 -11.48 2.21 8.31
CA ALA C 127 -12.71 2.53 7.59
C ALA C 127 -13.80 2.99 8.55
N HIS C 128 -14.96 3.31 7.97
CA HIS C 128 -16.10 3.80 8.73
C HIS C 128 -16.55 2.79 9.77
N ASP C 129 -16.88 3.29 10.96
CA ASP C 129 -17.49 2.55 12.06
C ASP C 129 -16.56 1.55 12.72
N CYS C 130 -15.25 1.62 12.45
CA CYS C 130 -14.32 0.75 13.13
C CYS C 130 -14.17 1.12 14.60
N ILE C 131 -13.79 0.14 15.41
CA ILE C 131 -13.52 0.32 16.83
C ILE C 131 -12.16 -0.29 17.13
N ILE C 132 -11.22 0.53 17.59
CA ILE C 132 -9.89 0.07 18.00
C ILE C 132 -9.74 0.32 19.49
N GLY C 133 -9.32 -0.70 20.23
CA GLY C 133 -9.14 -0.61 21.67
C GLY C 133 -7.87 0.14 22.07
N ASP C 134 -7.06 -0.47 22.95
CA ASP C 134 -5.87 0.16 23.48
C ASP C 134 -4.61 -0.61 23.11
N ARG C 135 -3.53 0.13 22.91
CA ARG C 135 -2.18 -0.42 22.72
C ARG C 135 -2.09 -1.35 21.51
N CYS C 136 -2.87 -1.06 20.46
CA CYS C 136 -2.80 -1.84 19.24
C CYS C 136 -1.75 -1.29 18.29
N ILE C 137 -1.26 -2.15 17.42
CA ILE C 137 -0.26 -1.81 16.41
C ILE C 137 -0.77 -2.28 15.06
N ILE C 138 -0.84 -1.36 14.10
CA ILE C 138 -1.19 -1.68 12.72
C ILE C 138 0.01 -1.31 11.86
N ALA C 139 0.67 -2.31 11.29
CA ALA C 139 1.89 -2.09 10.53
C ALA C 139 1.58 -1.45 9.19
N ASN C 140 2.63 -1.20 8.40
CA ASN C 140 2.53 -0.49 7.13
C ASN C 140 1.47 -1.10 6.22
N ASN C 141 0.61 -0.26 5.68
CA ASN C 141 -0.37 -0.61 4.64
C ASN C 141 -1.47 -1.53 5.16
N GLY C 142 -1.64 -1.63 6.46
CA GLY C 142 -2.74 -2.41 7.01
C GLY C 142 -4.07 -1.73 6.77
N THR C 143 -5.10 -2.55 6.55
CA THR C 143 -6.42 -2.04 6.18
C THR C 143 -7.49 -2.74 7.00
N LEU C 144 -8.35 -1.94 7.65
CA LEU C 144 -9.54 -2.43 8.35
C LEU C 144 -10.76 -2.00 7.56
N GLY C 145 -11.54 -2.99 7.09
CA GLY C 145 -12.79 -2.70 6.43
C GLY C 145 -13.82 -2.13 7.40
N GLY C 146 -15.01 -1.86 6.87
CA GLY C 146 -16.04 -1.23 7.67
C GLY C 146 -16.48 -2.10 8.83
N HIS C 147 -16.82 -1.44 9.94
CA HIS C 147 -17.42 -2.06 11.12
C HIS C 147 -16.50 -3.08 11.79
N VAL C 148 -15.19 -3.00 11.56
CA VAL C 148 -14.25 -3.94 12.18
C VAL C 148 -13.96 -3.52 13.62
N THR C 149 -13.86 -4.50 14.51
CA THR C 149 -13.54 -4.27 15.91
C THR C 149 -12.21 -4.94 16.25
N LEU C 150 -11.32 -4.19 16.87
CA LEU C 150 -10.07 -4.71 17.42
C LEU C 150 -10.09 -4.57 18.93
N GLY C 151 -9.72 -5.64 19.63
CA GLY C 151 -9.58 -5.59 21.07
C GLY C 151 -8.36 -4.80 21.49
N ASP C 152 -7.76 -5.17 22.63
CA ASP C 152 -6.55 -4.50 23.09
C ASP C 152 -5.32 -5.31 22.70
N TYR C 153 -4.19 -4.61 22.57
CA TYR C 153 -2.89 -5.23 22.29
C TYR C 153 -2.92 -6.06 21.01
N VAL C 154 -3.67 -5.63 20.02
CA VAL C 154 -3.77 -6.33 18.75
C VAL C 154 -2.64 -5.87 17.84
N ILE C 155 -2.06 -6.81 17.10
CA ILE C 155 -1.04 -6.51 16.10
C ILE C 155 -1.56 -6.96 14.74
N ILE C 156 -1.62 -6.05 13.78
CA ILE C 156 -1.94 -6.36 12.39
C ILE C 156 -0.67 -6.20 11.58
N GLY C 157 -0.21 -7.29 10.98
CA GLY C 157 1.00 -7.26 10.17
C GLY C 157 0.88 -6.38 8.94
N GLY C 158 2.03 -6.13 8.32
CA GLY C 158 2.08 -5.21 7.20
C GLY C 158 1.36 -5.76 5.97
N MET C 159 0.67 -4.86 5.26
N MET C 159 0.65 -4.87 5.27
CA MET C 159 -0.07 -5.20 4.05
CA MET C 159 -0.07 -5.20 4.05
C MET C 159 -1.12 -6.29 4.30
C MET C 159 -1.13 -6.27 4.29
N SER C 160 -1.75 -6.23 5.47
CA SER C 160 -2.80 -7.16 5.84
C SER C 160 -4.15 -6.45 5.87
N ALA C 161 -5.20 -7.20 5.57
CA ALA C 161 -6.55 -6.63 5.46
C ALA C 161 -7.51 -7.44 6.31
N VAL C 162 -8.37 -6.74 7.05
CA VAL C 162 -9.45 -7.35 7.82
C VAL C 162 -10.76 -7.02 7.13
N HIS C 163 -11.48 -8.05 6.69
CA HIS C 163 -12.74 -7.85 6.00
C HIS C 163 -13.77 -7.20 6.91
N GLN C 164 -14.79 -6.62 6.29
CA GLN C 164 -15.77 -5.83 7.04
C GLN C 164 -16.53 -6.69 8.05
N PHE C 165 -16.89 -6.06 9.17
CA PHE C 165 -17.68 -6.63 10.25
C PHE C 165 -16.90 -7.64 11.10
N CYS C 166 -15.68 -7.99 10.70
CA CYS C 166 -14.94 -9.02 11.42
C CYS C 166 -14.42 -8.50 12.75
N GLN C 167 -14.40 -9.38 13.74
CA GLN C 167 -13.97 -9.07 15.10
C GLN C 167 -12.62 -9.71 15.35
N ILE C 168 -11.68 -8.94 15.89
CA ILE C 168 -10.35 -9.43 16.22
C ILE C 168 -10.18 -9.36 17.73
N GLY C 169 -9.92 -10.50 18.36
CA GLY C 169 -9.80 -10.56 19.80
C GLY C 169 -8.51 -9.92 20.31
N SER C 170 -8.48 -9.71 21.62
CA SER C 170 -7.33 -9.07 22.25
C SER C 170 -6.09 -9.96 22.16
N HIS C 171 -4.93 -9.30 22.08
CA HIS C 171 -3.61 -9.94 22.05
C HIS C 171 -3.41 -10.83 20.83
N VAL C 172 -4.20 -10.63 19.79
CA VAL C 172 -4.04 -11.33 18.53
C VAL C 172 -2.90 -10.71 17.74
N MET C 173 -2.10 -11.54 17.07
CA MET C 173 -1.14 -11.08 16.09
C MET C 173 -1.53 -11.61 14.73
N VAL C 174 -1.89 -10.71 13.82
CA VAL C 174 -2.15 -11.06 12.43
C VAL C 174 -0.85 -10.89 11.66
N GLY C 175 -0.41 -11.97 11.01
CA GLY C 175 0.83 -11.94 10.27
C GLY C 175 0.78 -11.02 9.07
N GLY C 176 1.96 -10.76 8.51
CA GLY C 176 2.05 -9.89 7.35
C GLY C 176 1.41 -10.52 6.12
N CYS C 177 0.79 -9.67 5.31
CA CYS C 177 0.14 -10.08 4.06
C CYS C 177 -0.87 -11.21 4.29
N SER C 178 -1.83 -10.93 5.17
CA SER C 178 -2.88 -11.87 5.50
C SER C 178 -4.23 -11.22 5.31
N GLY C 179 -5.19 -12.00 4.82
CA GLY C 179 -6.56 -11.54 4.68
C GLY C 179 -7.48 -12.21 5.67
N VAL C 180 -8.03 -11.45 6.61
CA VAL C 180 -8.88 -11.98 7.68
C VAL C 180 -10.33 -11.86 7.23
N ALA C 181 -10.98 -12.99 6.98
CA ALA C 181 -12.35 -13.01 6.49
C ALA C 181 -13.38 -13.42 7.53
N GLN C 182 -12.95 -13.84 8.71
CA GLN C 182 -13.86 -14.24 9.79
C GLN C 182 -13.34 -13.65 11.09
N ASP C 183 -13.95 -14.03 12.21
CA ASP C 183 -13.54 -13.53 13.50
C ASP C 183 -12.35 -14.32 14.03
N VAL C 184 -11.47 -13.62 14.75
CA VAL C 184 -10.25 -14.20 15.28
C VAL C 184 -10.35 -14.20 16.81
N PRO C 185 -10.42 -15.35 17.46
CA PRO C 185 -10.51 -15.39 18.94
C PRO C 185 -9.27 -14.77 19.57
N PRO C 186 -9.37 -14.34 20.82
CA PRO C 186 -8.23 -13.68 21.46
C PRO C 186 -7.01 -14.58 21.59
N PHE C 187 -5.84 -13.94 21.68
CA PHE C 187 -4.54 -14.56 21.94
C PHE C 187 -4.03 -15.41 20.79
N VAL C 188 -4.69 -15.38 19.63
CA VAL C 188 -4.43 -16.32 18.55
C VAL C 188 -3.55 -15.66 17.49
N ILE C 189 -2.63 -16.44 16.91
CA ILE C 189 -1.87 -16.03 15.74
C ILE C 189 -2.68 -16.38 14.50
N ALA C 190 -2.95 -15.38 13.66
CA ALA C 190 -3.69 -15.57 12.42
C ALA C 190 -2.81 -15.19 11.24
N GLN C 191 -2.72 -16.09 10.25
N GLN C 191 -2.77 -16.08 10.24
CA GLN C 191 -1.93 -15.79 9.07
CA GLN C 191 -1.87 -15.92 9.10
C GLN C 191 -2.44 -16.63 7.91
C GLN C 191 -2.45 -16.66 7.90
N GLY C 192 -2.18 -16.14 6.71
CA GLY C 192 -2.63 -16.76 5.49
C GLY C 192 -3.67 -15.90 4.77
N ASN C 193 -4.15 -16.45 3.65
CA ASN C 193 -5.13 -15.74 2.81
C ASN C 193 -6.03 -16.80 2.17
N HIS C 194 -7.17 -17.06 2.80
CA HIS C 194 -7.62 -16.36 4.01
C HIS C 194 -6.90 -16.83 5.26
N ALA C 195 -6.85 -15.95 6.26
CA ALA C 195 -6.08 -16.22 7.48
C ALA C 195 -6.66 -17.40 8.24
N THR C 196 -5.79 -18.29 8.69
CA THR C 196 -6.12 -19.44 9.51
C THR C 196 -5.32 -19.40 10.80
N PRO C 197 -5.77 -20.06 11.87
CA PRO C 197 -5.08 -19.96 13.15
C PRO C 197 -3.87 -20.88 13.23
N TYR C 198 -2.82 -20.39 13.92
CA TYR C 198 -1.57 -21.11 14.07
C TYR C 198 -1.07 -21.04 15.51
N GLY C 199 -1.93 -21.42 16.45
CA GLY C 199 -1.54 -21.45 17.85
C GLY C 199 -1.70 -20.10 18.53
N LEU C 200 -1.05 -19.98 19.69
CA LEU C 200 -1.15 -18.80 20.52
C LEU C 200 -0.04 -17.81 20.21
N ASN C 201 -0.33 -16.53 20.45
CA ASN C 201 0.66 -15.45 20.33
C ASN C 201 1.55 -15.47 21.57
N ILE C 202 2.37 -16.52 21.65
CA ILE C 202 3.14 -16.79 22.88
C ILE C 202 4.11 -15.66 23.16
N GLU C 203 4.78 -15.14 22.13
CA GLU C 203 5.76 -14.08 22.34
C GLU C 203 5.08 -12.80 22.79
N GLY C 204 3.90 -12.50 22.27
CA GLY C 204 3.18 -11.32 22.71
C GLY C 204 2.72 -11.44 24.15
N LEU C 205 2.19 -12.61 24.53
CA LEU C 205 1.69 -12.79 25.89
C LEU C 205 2.83 -12.72 26.90
N LYS C 206 3.97 -13.33 26.59
CA LYS C 206 5.10 -13.30 27.53
C LYS C 206 5.70 -11.90 27.63
N ARG C 207 5.71 -11.14 26.53
CA ARG C 207 6.22 -9.78 26.57
C ARG C 207 5.37 -8.91 27.49
N ARG C 208 4.06 -9.16 27.53
CA ARG C 208 3.16 -8.44 28.43
C ARG C 208 3.07 -9.10 29.80
N GLY C 209 3.97 -10.02 30.13
CA GLY C 209 4.07 -10.56 31.47
C GLY C 209 3.04 -11.60 31.84
N PHE C 210 2.53 -12.36 30.87
CA PHE C 210 1.57 -13.40 31.18
C PHE C 210 2.24 -14.55 31.92
N ALA C 211 1.64 -14.94 33.05
CA ALA C 211 2.19 -16.02 33.84
C ALA C 211 2.00 -17.36 33.12
N LYS C 212 2.78 -18.35 33.54
CA LYS C 212 2.72 -19.66 32.90
C LYS C 212 1.42 -20.39 33.21
N GLU C 213 0.84 -20.16 34.39
CA GLU C 213 -0.47 -20.73 34.67
C GLU C 213 -1.54 -20.14 33.76
N ASP C 214 -1.37 -18.87 33.36
CA ASP C 214 -2.30 -18.27 32.41
C ASP C 214 -2.09 -18.83 31.00
N LEU C 215 -0.83 -19.07 30.63
CA LEU C 215 -0.56 -19.64 29.30
C LEU C 215 -1.15 -21.04 29.17
N HIS C 216 -1.04 -21.86 30.22
CA HIS C 216 -1.55 -23.22 30.16
C HIS C 216 -3.07 -23.23 30.03
N ALA C 217 -3.75 -22.30 30.70
CA ALA C 217 -5.21 -22.23 30.58
C ALA C 217 -5.63 -21.78 29.19
N ILE C 218 -4.91 -20.81 28.61
CA ILE C 218 -5.26 -20.36 27.27
C ILE C 218 -4.94 -21.42 26.24
N ARG C 219 -3.79 -22.10 26.39
CA ARG C 219 -3.47 -23.23 25.52
C ARG C 219 -4.54 -24.31 25.62
N ASN C 220 -5.12 -24.50 26.81
CA ASN C 220 -6.15 -25.51 26.98
C ASN C 220 -7.45 -25.10 26.31
N ALA C 221 -7.84 -23.83 26.43
CA ALA C 221 -9.03 -23.35 25.75
C ALA C 221 -8.85 -23.36 24.24
N TYR C 222 -7.62 -23.24 23.76
CA TYR C 222 -7.36 -23.30 22.32
C TYR C 222 -7.58 -24.70 21.78
N LYS C 223 -7.17 -25.73 22.54
CA LYS C 223 -7.31 -27.10 22.08
C LYS C 223 -8.78 -27.49 21.95
N ILE C 224 -9.62 -27.05 22.88
CA ILE C 224 -11.03 -27.40 22.84
C ILE C 224 -11.69 -26.80 21.60
N LEU C 225 -11.33 -25.57 21.24
CA LEU C 225 -11.97 -24.91 20.11
C LEU C 225 -11.48 -25.46 18.77
N TYR C 226 -10.22 -25.89 18.70
CA TYR C 226 -9.58 -26.18 17.43
C TYR C 226 -9.04 -27.60 17.28
N ARG C 227 -8.52 -28.21 18.35
CA ARG C 227 -7.73 -29.43 18.23
C ARG C 227 -8.42 -30.65 18.83
N ASN C 228 -9.75 -30.65 18.89
CA ASN C 228 -10.47 -31.80 19.45
C ASN C 228 -11.67 -32.22 18.62
N GLY C 229 -11.79 -31.76 17.38
CA GLY C 229 -12.89 -32.15 16.53
C GLY C 229 -14.27 -31.76 17.01
N LYS C 230 -14.36 -30.91 18.03
CA LYS C 230 -15.66 -30.49 18.54
C LYS C 230 -16.23 -29.37 17.67
N THR C 231 -17.53 -29.43 17.42
CA THR C 231 -18.18 -28.38 16.64
C THR C 231 -18.19 -27.06 17.43
N LEU C 232 -18.58 -25.98 16.73
CA LEU C 232 -18.57 -24.67 17.36
C LEU C 232 -19.52 -24.61 18.55
N GLU C 233 -20.72 -25.18 18.40
CA GLU C 233 -21.67 -25.20 19.50
C GLU C 233 -21.13 -25.97 20.69
N GLU C 234 -20.48 -27.11 20.44
CA GLU C 234 -19.94 -27.92 21.53
C GLU C 234 -18.82 -27.18 22.26
N ALA C 235 -17.82 -26.71 21.51
CA ALA C 235 -16.67 -26.06 22.14
C ALA C 235 -17.08 -24.80 22.90
N ARG C 236 -17.97 -24.01 22.30
CA ARG C 236 -18.39 -22.77 22.96
C ARG C 236 -19.10 -23.03 24.27
N GLU C 237 -19.85 -24.13 24.36
CA GLU C 237 -20.48 -24.48 25.63
C GLU C 237 -19.44 -25.00 26.63
N GLU C 238 -18.44 -25.72 26.14
CA GLU C 238 -17.41 -26.26 27.03
C GLU C 238 -16.46 -25.15 27.49
N ILE C 239 -16.10 -24.23 26.59
CA ILE C 239 -15.25 -23.11 26.98
C ILE C 239 -15.95 -22.26 28.04
N ALA C 240 -17.26 -22.03 27.88
CA ALA C 240 -17.99 -21.24 28.86
C ALA C 240 -18.05 -21.95 30.21
N GLN C 241 -17.95 -23.28 30.21
CA GLN C 241 -17.90 -24.01 31.47
C GLN C 241 -16.55 -23.87 32.16
N LEU C 242 -15.47 -23.74 31.38
CA LEU C 242 -14.15 -23.54 31.97
C LEU C 242 -14.05 -22.19 32.65
N ALA C 243 -14.57 -21.14 32.01
CA ALA C 243 -14.50 -19.80 32.60
C ALA C 243 -15.32 -19.71 33.88
N ALA C 244 -16.42 -20.46 33.97
CA ALA C 244 -17.22 -20.46 35.19
C ALA C 244 -16.56 -21.28 36.29
N ASP C 245 -15.86 -22.36 35.93
CA ASP C 245 -15.25 -23.22 36.94
C ASP C 245 -13.92 -22.65 37.43
N ASN C 246 -12.90 -22.66 36.57
CA ASN C 246 -11.55 -22.27 37.00
C ASN C 246 -11.42 -20.77 37.23
N ASN C 247 -12.32 -19.96 36.67
CA ASN C 247 -12.30 -18.50 36.85
C ASN C 247 -10.98 -17.89 36.39
N ASN C 248 -10.43 -18.40 35.29
CA ASN C 248 -9.27 -17.78 34.67
C ASN C 248 -9.72 -16.54 33.91
N GLN C 249 -9.11 -15.39 34.24
CA GLN C 249 -9.56 -14.13 33.64
C GLN C 249 -9.43 -14.12 32.12
N TYR C 250 -8.50 -14.91 31.59
CA TYR C 250 -8.27 -14.92 30.15
C TYR C 250 -9.14 -15.94 29.43
N VAL C 251 -9.48 -17.06 30.10
CA VAL C 251 -10.48 -17.96 29.54
C VAL C 251 -11.83 -17.27 29.44
N LYS C 252 -12.13 -16.38 30.40
CA LYS C 252 -13.38 -15.63 30.34
C LYS C 252 -13.39 -14.68 29.16
N ILE C 253 -12.30 -13.94 28.94
CA ILE C 253 -12.17 -13.11 27.75
C ILE C 253 -12.31 -13.97 26.50
N PHE C 254 -11.63 -15.12 26.48
CA PHE C 254 -11.76 -16.05 25.36
C PHE C 254 -13.20 -16.51 25.17
N SER C 255 -13.90 -16.80 26.28
CA SER C 255 -15.27 -17.27 26.19
C SER C 255 -16.23 -16.15 25.78
N ASP C 256 -16.05 -14.95 26.34
CA ASP C 256 -16.94 -13.84 26.02
C ASP C 256 -16.86 -13.49 24.53
N PHE C 257 -15.68 -13.60 23.93
CA PHE C 257 -15.54 -13.31 22.51
C PHE C 257 -16.33 -14.30 21.67
N LEU C 258 -16.23 -15.59 21.99
CA LEU C 258 -16.94 -16.60 21.22
C LEU C 258 -18.45 -16.42 21.32
N GLU C 259 -18.94 -16.01 22.49
CA GLU C 259 -20.37 -15.80 22.66
C GLU C 259 -20.85 -14.57 21.91
N ASN C 260 -20.06 -13.51 21.91
CA ASN C 260 -20.43 -12.33 21.13
C ASN C 260 -20.34 -12.59 19.63
N SER C 261 -19.38 -13.42 19.20
CA SER C 261 -19.25 -13.75 17.79
C SER C 261 -20.36 -14.69 17.33
N ALA C 262 -20.92 -15.48 18.25
CA ALA C 262 -21.99 -16.40 17.89
C ALA C 262 -23.28 -15.68 17.51
N LYS C 263 -23.45 -14.43 17.94
CA LYS C 263 -24.63 -13.65 17.57
C LYS C 263 -24.63 -13.24 16.10
N SER C 264 -23.54 -13.49 15.38
CA SER C 264 -23.44 -13.21 13.95
C SER C 264 -23.18 -14.53 13.21
N ASN C 265 -23.18 -14.45 11.88
CA ASN C 265 -23.03 -15.64 11.05
C ASN C 265 -21.68 -15.68 10.33
N ARG C 266 -20.75 -14.80 10.68
CA ARG C 266 -19.43 -14.83 10.05
C ARG C 266 -18.63 -16.05 10.49
N GLY C 267 -18.76 -16.44 11.76
CA GLY C 267 -17.97 -17.53 12.28
C GLY C 267 -16.56 -17.09 12.65
N ILE C 268 -15.71 -18.10 12.89
CA ILE C 268 -14.33 -17.85 13.27
C ILE C 268 -13.41 -18.49 12.23
N ILE C 269 -12.19 -17.98 12.17
CA ILE C 269 -11.18 -18.58 11.31
C ILE C 269 -10.91 -20.00 11.76
N ARG C 270 -10.51 -20.85 10.83
CA ARG C 270 -10.26 -22.26 11.13
C ARG C 270 -9.31 -22.88 10.11
S SO4 D . 3.14 20.18 -16.85
O1 SO4 D . 4.56 20.51 -16.87
O2 SO4 D . 2.42 21.19 -16.07
O3 SO4 D . 2.62 20.16 -18.21
O4 SO4 D . 2.96 18.87 -16.24
S SO4 E . -11.74 -12.01 -1.22
O1 SO4 E . -13.17 -12.24 -1.06
O2 SO4 E . -11.48 -10.57 -1.38
O3 SO4 E . -11.03 -12.50 -0.03
O4 SO4 E . -11.26 -12.73 -2.39
P PO3 F . -0.16 -8.86 -0.59
O1 PO3 F . -1.58 -9.34 -0.83
O2 PO3 F . 0.32 -9.40 0.75
O3 PO3 F . 0.76 -9.38 -1.67
S SO4 G . 5.90 -12.05 -10.18
O1 SO4 G . 6.01 -10.63 -9.88
O2 SO4 G . 4.51 -12.36 -10.56
O3 SO4 G . 6.26 -12.83 -9.00
O4 SO4 G . 6.79 -12.39 -11.28
S SO4 H . 14.48 18.59 12.59
O1 SO4 H . 15.68 18.32 13.38
O2 SO4 H . 13.95 19.89 12.97
O3 SO4 H . 14.83 18.60 11.17
O4 SO4 H . 13.48 17.56 12.86
S SO4 I . 4.98 -12.63 9.58
O1 SO4 I . 4.80 -12.45 11.01
O2 SO4 I . 4.99 -11.34 8.92
O3 SO4 I . 3.90 -13.45 9.04
O4 SO4 I . 6.26 -13.31 9.33
S SO4 J . -16.47 19.44 7.53
O1 SO4 J . -17.03 20.45 6.63
O2 SO4 J . -15.39 20.02 8.31
O3 SO4 J . -15.95 18.32 6.74
O4 SO4 J . -17.51 18.95 8.43
#